data_7Z28
#
_entry.id   7Z28
#
_cell.length_a   57.651
_cell.length_b   113.174
_cell.length_c   140.165
_cell.angle_alpha   90.000
_cell.angle_beta   90.000
_cell.angle_gamma   90.000
#
_symmetry.space_group_name_H-M   'P 2 21 21'
#
loop_
_entity.id
_entity.type
_entity.pdbx_description
1 polymer 'Endoplasmic reticulum aminopeptidase 1'
2 branched 2-acetamido-2-deoxy-beta-D-glucopyranose-(1-4)-2-acetamido-2-deoxy-beta-D-glucopyranose
3 non-polymer 2-acetamido-2-deoxy-beta-D-glucopyranose
4 non-polymer 'ZINC ION'
5 non-polymer 'methyl (2~{S})-2-[[(2~{S})-2-[[(2~{S},3~{R})-3-azanyl-2,7-bis(oxidanyl)heptanoyl]amino]-4-methyl-pentanoyl]amino]-3-(4-hydroxyphenyl)propanoate'
6 non-polymer 1,2-ETHANEDIOL
7 non-polymer D-MALATE
8 non-polymer 'TRIETHYLENE GLYCOL'
9 water water
#
_entity_poly.entity_id   1
_entity_poly.type   'polypeptide(L)'
_entity_poly.pdbx_seq_one_letter_code
;TPFPWNKIRLPEYVIPVHYDLLIHANLTTLTFWGTTKVEITASQPTSTIILHSHHLQISRATLRKGAGERLSEEPLQVLE
HPRQEQIALLAPEPLLVGLPYTVVIHYAGNLSETFHGFYKSTYRTKEGELRILASTQFEPTAARMAFPCFDEPAFKASFS
IKIRREPRHLAISNMPLVKSVTVAEGLIEDHFDVTVKMSTYLVAFIISDFESVSKITKSGVKVSVYAVPDKINQADYALD
AAVTLLEFYEDYFSIPYPLPKQDLAAIPDFQSGAMENWGLTTYRESALLFDAEKSSASSKLGITMTVAHELAHQWFGNLV
TMEWWNDLWLNEGFAKFMEFVSVSVTHPELKVGDYFFGKCFDAMEVDALNSSHPVSTPVENPAQIREMFDDVSYDKGACI
LNMLREYLSADAFKSGIVQYLQKHSYKNTKNEDLWDSMASISGDVKTMMNTWTLQKGFPLITITVRGRNVHMKQEHYMKG
DTGYLWHVPLTFITSKSDMVHRFLLKTKTDVLILPEEVEWIKFNVGMNGYYIVHYEDDGWDSLTGLLKGTHTAVSSNDRA
SLINNAFQLVSIGKLSIEKALDLSLYLKHETEIMPVFQGLNELIPMYKLMEKRDMNEVETQFKAFLIRLLRDLIDKQTWT
DEGSVSERMLRSQLLLLACVHNYQPCVQRAEGYFRKWKESNGNLSLPVDVTLAVFAVGAQSTEGWDFLYSKYQFSLSSTE
KSQIEFALCRTQNKEKLQWLLDESFKGDKIKTQEFPQILTLIGRNPVGYPLAWQFLRKNWNKLVQKFELGSSSIAHMVMG
TTNQFSTRTRLEEVKGFFSSLKENGSQLRCVQQTIETIEENIGWMDKNFDKIRVWLQSE
;
_entity_poly.pdbx_strand_id   A
#
loop_
_chem_comp.id
_chem_comp.type
_chem_comp.name
_chem_comp.formula
EDO non-polymer 1,2-ETHANEDIOL 'C2 H6 O2'
I88 non-polymer 'methyl (2~{S})-2-[[(2~{S})-2-[[(2~{S},3~{R})-3-azanyl-2,7-bis(oxidanyl)heptanoyl]amino]-4-methyl-pentanoyl]amino]-3-(4-hydroxyphenyl)propanoate' 'C23 H37 N3 O7'
MLT non-polymer D-MALATE 'C4 H6 O5'
NAG D-saccharide, beta linking 2-acetamido-2-deoxy-beta-D-glucopyranose 'C8 H15 N O6'
PGE non-polymer 'TRIETHYLENE GLYCOL' 'C6 H14 O4'
ZN non-polymer 'ZINC ION' 'Zn 2'
#
# COMPACT_ATOMS: atom_id res chain seq x y z
N THR A 1 34.30 21.43 16.26
CA THR A 1 34.36 20.59 17.43
C THR A 1 33.53 19.31 17.22
N PRO A 2 33.91 18.22 17.88
CA PRO A 2 33.26 16.93 17.59
C PRO A 2 31.79 16.97 17.95
N PHE A 3 30.99 16.27 17.17
CA PHE A 3 29.55 16.25 17.43
C PHE A 3 29.28 15.44 18.70
N PRO A 4 28.50 15.97 19.65
CA PRO A 4 28.43 15.36 20.98
C PRO A 4 27.39 14.26 21.13
N TRP A 5 27.02 13.58 20.05
CA TRP A 5 26.04 12.51 20.15
C TRP A 5 26.30 11.55 19.01
N ASN A 6 26.48 10.27 19.33
CA ASN A 6 26.93 9.31 18.34
C ASN A 6 25.90 8.22 18.04
N LYS A 7 24.62 8.47 18.30
CA LYS A 7 23.58 7.47 18.07
C LYS A 7 22.53 8.01 17.09
N ILE A 8 21.96 7.09 16.29
CA ILE A 8 20.90 7.49 15.37
C ILE A 8 19.65 7.90 16.15
N ARG A 9 19.32 7.16 17.21
CA ARG A 9 18.21 7.54 18.06
C ARG A 9 18.59 8.71 18.96
N LEU A 10 17.62 9.58 19.20
CA LEU A 10 17.85 10.75 20.03
C LEU A 10 18.03 10.36 21.49
N PRO A 11 18.68 11.21 22.28
CA PRO A 11 18.66 11.03 23.74
C PRO A 11 17.24 10.87 24.24
N GLU A 12 17.10 10.14 25.35
CA GLU A 12 15.78 9.91 25.93
C GLU A 12 15.40 10.93 27.00
N TYR A 13 16.31 11.79 27.42
CA TYR A 13 16.11 12.58 28.63
C TYR A 13 15.77 14.04 28.37
N VAL A 14 15.60 14.44 27.11
CA VAL A 14 15.02 15.75 26.79
C VAL A 14 13.72 15.50 26.05
N ILE A 15 12.62 16.03 26.58
CA ILE A 15 11.30 15.65 26.08
C ILE A 15 10.50 16.89 25.69
N PRO A 16 9.97 16.96 24.48
CA PRO A 16 9.11 18.09 24.10
C PRO A 16 7.70 17.91 24.61
N VAL A 17 7.03 19.05 24.82
CA VAL A 17 5.61 19.05 25.20
C VAL A 17 4.76 19.81 24.19
N HIS A 18 5.32 20.86 23.57
CA HIS A 18 4.51 21.70 22.71
C HIS A 18 5.41 22.40 21.70
N TYR A 19 4.98 22.45 20.45
CA TYR A 19 5.65 23.19 19.40
C TYR A 19 4.79 24.36 18.93
N ASP A 20 5.41 25.51 18.74
CA ASP A 20 4.82 26.61 17.99
C ASP A 20 5.61 26.71 16.68
N LEU A 21 4.93 26.46 15.55
CA LEU A 21 5.58 26.45 14.24
C LEU A 21 5.07 27.62 13.43
N LEU A 22 5.96 28.56 13.09
CA LEU A 22 5.66 29.59 12.12
C LEU A 22 6.36 29.24 10.82
N ILE A 23 5.60 29.17 9.72
CA ILE A 23 6.10 28.80 8.41
C ILE A 23 5.72 29.88 7.41
N HIS A 24 6.70 30.41 6.70
CA HIS A 24 6.51 31.43 5.68
C HIS A 24 7.10 30.87 4.40
N ALA A 25 6.25 30.41 3.48
CA ALA A 25 6.70 29.87 2.21
C ALA A 25 6.49 30.89 1.10
N ASN A 26 7.43 30.94 0.17
CA ASN A 26 7.27 31.73 -1.04
C ASN A 26 7.15 30.79 -2.23
N LEU A 27 5.98 30.78 -2.85
CA LEU A 27 5.71 29.85 -3.94
C LEU A 27 6.20 30.36 -5.29
N THR A 28 6.77 31.56 -5.33
CA THR A 28 7.45 32.05 -6.52
C THR A 28 8.93 31.72 -6.50
N THR A 29 9.61 32.01 -5.39
CA THR A 29 11.03 31.70 -5.27
C THR A 29 11.29 30.28 -4.78
N LEU A 30 10.26 29.58 -4.32
CA LEU A 30 10.35 28.17 -3.90
C LEU A 30 11.25 28.00 -2.68
N THR A 31 11.18 28.96 -1.78
CA THR A 31 11.94 28.93 -0.54
C THR A 31 10.97 29.12 0.63
N PHE A 32 11.43 28.79 1.83
CA PHE A 32 10.61 29.07 3.00
C PHE A 32 11.49 29.39 4.18
N TRP A 33 10.89 30.09 5.14
CA TRP A 33 11.52 30.44 6.40
C TRP A 33 10.63 29.95 7.53
N GLY A 34 11.24 29.60 8.65
CA GLY A 34 10.49 29.13 9.80
C GLY A 34 11.07 29.67 11.09
N THR A 35 10.18 29.82 12.08
CA THR A 35 10.57 29.96 13.46
C THR A 35 9.89 28.85 14.24
N THR A 36 10.68 27.97 14.84
CA THR A 36 10.17 26.87 15.64
C THR A 36 10.43 27.18 17.11
N LYS A 37 9.39 27.13 17.94
CA LYS A 37 9.53 27.23 19.39
C LYS A 37 9.10 25.89 19.97
N VAL A 38 9.97 25.21 20.70
CA VAL A 38 9.60 23.93 21.28
C VAL A 38 9.83 23.97 22.79
N GLU A 39 8.75 23.78 23.53
CA GLU A 39 8.81 23.67 24.98
CA GLU A 39 8.83 23.67 24.98
C GLU A 39 9.31 22.29 25.38
N ILE A 40 10.33 22.24 26.22
CA ILE A 40 10.99 20.99 26.59
C ILE A 40 11.21 20.95 28.10
N THR A 41 11.44 19.73 28.60
CA THR A 41 12.01 19.51 29.91
CA THR A 41 12.01 19.51 29.91
C THR A 41 13.10 18.45 29.80
N ALA A 42 14.12 18.58 30.64
CA ALA A 42 15.20 17.61 30.73
C ALA A 42 15.07 16.86 32.05
N SER A 43 15.31 15.54 32.02
CA SER A 43 15.29 14.74 33.23
C SER A 43 16.68 14.41 33.75
N GLN A 44 17.72 14.78 33.02
CA GLN A 44 19.09 14.74 33.48
C GLN A 44 19.69 16.11 33.24
N PRO A 45 20.63 16.55 34.07
CA PRO A 45 21.34 17.78 33.74
C PRO A 45 22.09 17.59 32.42
N THR A 46 21.87 18.52 31.49
CA THR A 46 22.58 18.55 30.23
C THR A 46 22.73 20.00 29.81
N SER A 47 23.82 20.29 29.12
CA SER A 47 24.00 21.58 28.45
C SER A 47 23.83 21.46 26.95
N THR A 48 23.39 20.30 26.47
CA THR A 48 23.33 20.00 25.05
C THR A 48 21.95 19.48 24.71
N ILE A 49 21.34 20.02 23.65
CA ILE A 49 20.05 19.54 23.16
C ILE A 49 20.25 18.99 21.74
N ILE A 50 19.97 17.70 21.57
CA ILE A 50 20.07 17.04 20.26
C ILE A 50 18.67 16.98 19.65
N LEU A 51 18.51 17.50 18.44
CA LEU A 51 17.26 17.48 17.69
C LEU A 51 17.53 16.99 16.29
N HIS A 52 16.46 16.65 15.56
CA HIS A 52 16.60 16.36 14.14
C HIS A 52 16.46 17.61 13.31
N SER A 53 17.21 17.65 12.21
CA SER A 53 17.15 18.73 11.23
C SER A 53 17.82 18.21 9.95
N HIS A 54 17.17 18.39 8.81
CA HIS A 54 17.68 17.84 7.54
C HIS A 54 17.51 18.89 6.46
N HIS A 55 18.62 19.39 5.92
CA HIS A 55 18.61 20.38 4.84
C HIS A 55 17.94 21.67 5.26
N LEU A 56 18.02 22.04 6.53
CA LEU A 56 17.58 23.34 7.00
C LEU A 56 18.79 24.20 7.36
N GLN A 57 18.77 25.45 6.92
CA GLN A 57 19.84 26.38 7.22
C GLN A 57 19.45 27.15 8.48
N ILE A 58 20.13 26.86 9.59
CA ILE A 58 19.80 27.44 10.88
C ILE A 58 20.51 28.77 11.02
N SER A 59 19.74 29.85 11.22
CA SER A 59 20.36 31.15 11.36
C SER A 59 20.58 31.58 12.81
N ARG A 60 19.75 31.09 13.71
CA ARG A 60 19.81 31.53 15.10
C ARG A 60 19.03 30.53 15.95
N ALA A 61 19.58 30.22 17.13
CA ALA A 61 18.92 29.37 18.10
C ALA A 61 19.12 29.97 19.48
N THR A 62 18.06 30.00 20.28
CA THR A 62 18.15 30.54 21.63
C THR A 62 17.37 29.66 22.58
N LEU A 63 17.75 29.74 23.86
CA LEU A 63 17.10 28.97 24.92
C LEU A 63 16.42 29.95 25.86
N ARG A 64 15.09 29.86 25.95
CA ARG A 64 14.31 30.68 26.87
C ARG A 64 13.98 29.89 28.12
N LYS A 65 14.09 30.52 29.29
CA LYS A 65 13.82 29.83 30.53
C LYS A 65 12.33 29.98 30.86
N GLY A 66 11.64 28.86 30.91
CA GLY A 66 10.21 28.82 31.11
C GLY A 66 9.44 28.64 29.81
N ALA A 67 8.13 28.93 29.90
CA ALA A 67 7.24 28.87 28.76
C ALA A 67 6.29 30.05 28.84
N GLY A 68 6.00 30.66 27.70
CA GLY A 68 5.16 31.83 27.66
C GLY A 68 5.91 33.05 27.14
N GLU A 69 5.50 34.21 27.63
CA GLU A 69 5.96 35.49 27.10
C GLU A 69 6.94 36.16 28.07
N ARG A 70 7.81 37.02 27.51
CA ARG A 70 8.70 37.87 28.30
C ARG A 70 9.72 37.06 29.11
N LEU A 71 10.26 36.01 28.51
CA LEU A 71 11.21 35.14 29.21
C LEU A 71 12.64 35.63 29.04
N SER A 72 13.48 35.30 30.02
CA SER A 72 14.92 35.42 29.86
C SER A 72 15.41 34.39 28.85
N GLU A 73 16.53 34.68 28.19
CA GLU A 73 17.07 33.74 27.23
C GLU A 73 18.60 33.76 27.22
N GLU A 74 19.14 32.78 26.49
CA GLU A 74 20.57 32.56 26.31
C GLU A 74 20.77 32.09 24.88
N PRO A 75 21.78 32.60 24.20
CA PRO A 75 22.06 32.08 22.85
C PRO A 75 22.56 30.66 22.93
N LEU A 76 22.24 29.89 21.90
CA LEU A 76 22.71 28.52 21.73
C LEU A 76 23.67 28.46 20.56
N GLN A 77 24.80 27.77 20.75
CA GLN A 77 25.64 27.45 19.60
C GLN A 77 25.10 26.21 18.92
N VAL A 78 25.30 26.15 17.60
CA VAL A 78 24.69 25.13 16.74
C VAL A 78 25.78 24.32 16.06
N LEU A 79 25.76 23.00 16.26
CA LEU A 79 26.54 22.04 15.49
C LEU A 79 25.59 21.16 14.69
N GLU A 80 26.08 20.62 13.57
CA GLU A 80 25.28 19.72 12.76
C GLU A 80 26.02 18.42 12.48
N HIS A 81 25.26 17.35 12.35
CA HIS A 81 25.74 16.05 11.88
C HIS A 81 24.79 15.63 10.77
N PRO A 82 25.07 16.02 9.53
CA PRO A 82 24.11 15.72 8.44
C PRO A 82 23.78 14.25 8.28
N ARG A 83 24.74 13.34 8.46
CA ARG A 83 24.45 11.92 8.22
C ARG A 83 23.49 11.37 9.27
N GLN A 84 23.64 11.77 10.54
CA GLN A 84 22.67 11.43 11.57
C GLN A 84 21.41 12.28 11.51
N GLU A 85 21.36 13.24 10.60
CA GLU A 85 20.24 14.17 10.44
C GLU A 85 19.88 14.85 11.76
N GLN A 86 20.93 15.26 12.49
CA GLN A 86 20.77 15.88 13.80
C GLN A 86 21.51 17.21 13.86
N ILE A 87 21.05 18.06 14.77
CA ILE A 87 21.80 19.23 15.21
C ILE A 87 21.96 19.14 16.71
N ALA A 88 22.99 19.81 17.21
CA ALA A 88 23.26 19.94 18.64
C ALA A 88 23.22 21.41 19.01
N LEU A 89 22.42 21.74 20.02
CA LEU A 89 22.32 23.09 20.54
C LEU A 89 23.05 23.14 21.87
N LEU A 90 24.07 24.00 21.97
CA LEU A 90 24.96 24.05 23.12
C LEU A 90 24.63 25.28 23.96
N ALA A 91 24.23 25.05 25.23
CA ALA A 91 23.90 26.14 26.14
C ALA A 91 25.11 26.56 26.95
N PRO A 92 25.12 27.82 27.45
CA PRO A 92 26.24 28.27 28.28
C PRO A 92 26.31 27.60 29.65
N GLU A 93 25.23 26.99 30.11
CA GLU A 93 25.21 26.33 31.39
C GLU A 93 24.14 25.25 31.37
N PRO A 94 24.17 24.31 32.31
CA PRO A 94 23.22 23.20 32.27
C PRO A 94 21.78 23.63 32.48
N LEU A 95 20.87 22.95 31.78
CA LEU A 95 19.44 23.05 32.07
C LEU A 95 19.15 22.48 33.46
N LEU A 96 18.26 23.13 34.19
CA LEU A 96 17.81 22.62 35.49
C LEU A 96 16.78 21.51 35.26
N VAL A 97 17.00 20.37 35.90
CA VAL A 97 16.13 19.22 35.67
C VAL A 97 14.69 19.54 36.05
N GLY A 98 13.75 19.09 35.22
CA GLY A 98 12.33 19.16 35.52
C GLY A 98 11.68 20.51 35.33
N LEU A 99 12.43 21.52 34.91
CA LEU A 99 11.91 22.87 34.68
C LEU A 99 11.68 23.10 33.19
N PRO A 100 10.61 23.80 32.83
CA PRO A 100 10.35 24.05 31.40
C PRO A 100 11.31 25.08 30.82
N TYR A 101 11.77 24.78 29.60
CA TYR A 101 12.49 25.72 28.75
C TYR A 101 11.82 25.75 27.39
N THR A 102 12.07 26.82 26.63
CA THR A 102 11.61 26.91 25.24
C THR A 102 12.80 27.14 24.33
N VAL A 103 13.05 26.17 23.45
CA VAL A 103 14.08 26.32 22.42
C VAL A 103 13.46 27.06 21.25
N VAL A 104 14.12 28.13 20.78
CA VAL A 104 13.61 28.95 19.67
C VAL A 104 14.62 28.90 18.53
N ILE A 105 14.19 28.43 17.36
CA ILE A 105 15.09 28.23 16.22
C ILE A 105 14.55 28.98 15.01
N HIS A 106 15.37 29.86 14.44
CA HIS A 106 15.08 30.53 13.19
C HIS A 106 15.85 29.83 12.07
N TYR A 107 15.17 29.53 10.96
CA TYR A 107 15.83 28.75 9.91
C TYR A 107 15.20 29.04 8.56
N ALA A 108 15.86 28.52 7.52
CA ALA A 108 15.41 28.69 6.14
C ALA A 108 15.62 27.38 5.40
N GLY A 109 14.81 27.17 4.36
CA GLY A 109 14.91 25.99 3.54
C GLY A 109 14.45 26.29 2.12
N ASN A 110 14.65 25.29 1.25
CA ASN A 110 14.08 25.32 -0.09
C ASN A 110 12.93 24.32 -0.13
N LEU A 111 11.82 24.71 -0.78
CA LEU A 111 10.78 23.71 -1.00
C LEU A 111 11.39 22.51 -1.71
N SER A 112 11.03 21.32 -1.23
CA SER A 112 11.57 20.10 -1.80
C SER A 112 11.08 19.91 -3.22
N GLU A 113 11.95 19.40 -4.08
CA GLU A 113 11.57 18.95 -5.41
C GLU A 113 11.27 17.46 -5.44
N THR A 114 11.23 16.80 -4.28
CA THR A 114 10.84 15.41 -4.15
C THR A 114 9.35 15.34 -3.80
N PHE A 115 8.88 14.17 -3.38
CA PHE A 115 7.50 14.02 -2.92
C PHE A 115 7.41 14.00 -1.41
N HIS A 116 8.48 14.40 -0.71
CA HIS A 116 8.47 14.37 0.74
C HIS A 116 8.98 15.68 1.31
N GLY A 117 8.84 15.80 2.62
CA GLY A 117 9.08 17.06 3.29
C GLY A 117 8.01 18.07 2.93
N PHE A 118 8.42 19.33 2.87
CA PHE A 118 7.56 20.44 2.46
C PHE A 118 7.90 20.68 0.99
N TYR A 119 7.03 20.22 0.09
CA TYR A 119 7.43 20.05 -1.28
C TYR A 119 6.51 20.78 -2.25
N LYS A 120 7.05 21.04 -3.42
CA LYS A 120 6.32 21.73 -4.49
C LYS A 120 5.46 20.75 -5.29
N SER A 121 4.23 21.18 -5.57
CA SER A 121 3.34 20.46 -6.46
C SER A 121 2.84 21.46 -7.50
N THR A 122 2.54 20.98 -8.70
CA THR A 122 2.08 21.87 -9.76
C THR A 122 0.96 21.21 -10.54
N TYR A 123 0.20 22.03 -11.23
CA TYR A 123 -0.79 21.50 -12.14
C TYR A 123 -1.10 22.61 -13.14
N ARG A 124 -1.77 22.25 -14.22
CA ARG A 124 -2.16 23.21 -15.23
C ARG A 124 -3.69 23.32 -15.25
N THR A 125 -4.20 24.54 -15.20
CA THR A 125 -5.63 24.71 -15.33
C THR A 125 -6.07 24.34 -16.74
N LYS A 126 -7.36 24.01 -16.88
CA LYS A 126 -7.83 23.67 -18.22
C LYS A 126 -7.67 24.82 -19.20
N GLU A 127 -7.45 26.03 -18.69
CA GLU A 127 -7.11 27.19 -19.51
C GLU A 127 -5.66 27.20 -19.94
N GLY A 128 -4.82 26.32 -19.38
CA GLY A 128 -3.40 26.30 -19.70
C GLY A 128 -2.48 26.98 -18.71
N GLU A 129 -3.01 27.48 -17.59
CA GLU A 129 -2.20 28.22 -16.64
C GLU A 129 -1.50 27.27 -15.67
N LEU A 130 -0.18 27.42 -15.54
CA LEU A 130 0.58 26.60 -14.61
C LEU A 130 0.45 27.17 -13.20
N ARG A 131 -0.02 26.35 -12.26
CA ARG A 131 -0.20 26.78 -10.88
C ARG A 131 0.74 26.00 -9.96
N ILE A 132 1.31 26.70 -8.98
CA ILE A 132 2.23 26.10 -8.03
C ILE A 132 1.53 26.04 -6.68
N LEU A 133 1.66 24.92 -5.98
CA LEU A 133 1.24 24.81 -4.60
C LEU A 133 2.34 24.18 -3.77
N ALA A 134 2.17 24.20 -2.45
CA ALA A 134 3.14 23.60 -1.52
C ALA A 134 2.38 22.73 -0.54
N SER A 135 2.89 21.53 -0.28
CA SER A 135 2.20 20.54 0.54
C SER A 135 3.22 19.76 1.35
N THR A 136 2.74 18.96 2.30
CA THR A 136 3.64 18.20 3.15
C THR A 136 3.41 16.70 3.04
N GLN A 137 4.50 15.95 3.18
CA GLN A 137 4.44 14.51 3.43
C GLN A 137 5.60 14.18 4.35
N PHE A 138 5.33 13.92 5.62
CA PHE A 138 6.39 13.72 6.60
C PHE A 138 6.62 12.26 6.97
N GLU A 139 5.61 11.40 6.95
CA GLU A 139 5.86 10.04 7.39
C GLU A 139 6.80 9.32 6.42
N PRO A 140 7.85 8.65 6.90
CA PRO A 140 8.15 8.48 8.32
C PRO A 140 9.07 9.53 8.92
N THR A 141 10.15 9.93 8.24
CA THR A 141 11.19 10.70 8.91
C THR A 141 11.44 12.07 8.25
N ALA A 142 10.43 12.69 7.61
CA ALA A 142 10.71 13.92 6.88
C ALA A 142 10.16 15.18 7.54
N ALA A 143 9.49 15.09 8.69
CA ALA A 143 9.11 16.32 9.40
C ALA A 143 10.33 17.21 9.64
N ARG A 144 11.48 16.59 9.94
CA ARG A 144 12.74 17.28 10.17
C ARG A 144 13.25 18.05 8.95
N MET A 145 12.67 17.85 7.76
CA MET A 145 12.99 18.65 6.58
C MET A 145 12.16 19.90 6.50
N ALA A 146 11.15 20.04 7.37
CA ALA A 146 10.30 21.22 7.39
C ALA A 146 10.45 22.07 8.64
N PHE A 147 10.74 21.44 9.78
CA PHE A 147 11.03 22.18 11.01
C PHE A 147 11.92 21.30 11.88
N PRO A 148 12.85 21.90 12.62
CA PRO A 148 13.67 21.10 13.54
C PRO A 148 12.81 20.58 14.68
N CYS A 149 13.01 19.31 15.04
CA CYS A 149 12.10 18.69 16.00
C CYS A 149 12.70 17.39 16.53
N PHE A 150 12.06 16.85 17.57
CA PHE A 150 12.38 15.51 18.08
C PHE A 150 11.59 14.54 17.21
N ASP A 151 12.18 14.14 16.09
CA ASP A 151 11.42 13.50 14.99
C ASP A 151 11.43 11.97 15.13
N GLU A 152 10.87 11.49 16.24
CA GLU A 152 10.59 10.08 16.46
C GLU A 152 9.17 9.98 17.00
N PRO A 153 8.43 8.93 16.63
CA PRO A 153 6.97 8.93 16.89
C PRO A 153 6.58 8.88 18.36
N ALA A 154 7.46 8.45 19.27
CA ALA A 154 7.10 8.42 20.68
C ALA A 154 7.33 9.75 21.40
N PHE A 155 7.92 10.75 20.73
CA PHE A 155 8.04 12.10 21.31
C PHE A 155 6.80 12.92 20.94
N LYS A 156 5.64 12.52 21.49
CA LYS A 156 4.41 13.20 21.13
C LYS A 156 4.32 14.58 21.79
N ALA A 157 3.64 15.50 21.09
CA ALA A 157 3.54 16.89 21.56
C ALA A 157 2.32 17.53 20.90
N SER A 158 1.89 18.67 21.44
CA SER A 158 0.89 19.48 20.75
C SER A 158 1.57 20.46 19.80
N PHE A 159 0.87 20.85 18.74
CA PHE A 159 1.42 21.74 17.71
C PHE A 159 0.49 22.92 17.44
N SER A 160 1.03 24.14 17.54
CA SER A 160 0.32 25.36 17.15
CA SER A 160 0.32 25.36 17.16
C SER A 160 0.98 25.90 15.89
N ILE A 161 0.25 25.88 14.79
CA ILE A 161 0.84 26.19 13.48
C ILE A 161 0.33 27.51 12.96
N LYS A 162 1.25 28.32 12.42
CA LYS A 162 0.92 29.61 11.80
C LYS A 162 1.60 29.62 10.43
N ILE A 163 0.86 30.05 9.40
CA ILE A 163 1.33 30.03 8.02
C ILE A 163 1.21 31.45 7.45
N ARG A 164 2.32 31.99 6.94
CA ARG A 164 2.28 33.28 6.25
C ARG A 164 2.18 33.03 4.75
N ARG A 165 1.26 33.74 4.09
CA ARG A 165 0.94 33.47 2.70
C ARG A 165 0.45 34.75 2.02
N GLU A 166 0.44 34.71 0.70
CA GLU A 166 -0.17 35.77 -0.07
C GLU A 166 -1.69 35.67 0.00
N PRO A 167 -2.39 36.80 -0.14
CA PRO A 167 -3.86 36.76 -0.18
C PRO A 167 -4.43 35.81 -1.22
N ARG A 168 -3.74 35.61 -2.35
CA ARG A 168 -4.27 34.74 -3.40
C ARG A 168 -4.33 33.28 -2.98
N HIS A 169 -3.62 32.89 -1.92
CA HIS A 169 -3.57 31.48 -1.53
C HIS A 169 -4.44 31.19 -0.32
N LEU A 170 -4.83 29.93 -0.24
CA LEU A 170 -5.50 29.34 0.90
C LEU A 170 -4.51 28.45 1.63
N ALA A 171 -4.46 28.55 2.95
CA ALA A 171 -3.69 27.60 3.75
C ALA A 171 -4.64 26.74 4.58
N ILE A 172 -4.36 25.44 4.64
CA ILE A 172 -5.04 24.56 5.58
C ILE A 172 -3.99 23.76 6.33
N SER A 173 -4.38 23.25 7.49
CA SER A 173 -3.46 22.49 8.34
C SER A 173 -4.28 21.44 9.09
N ASN A 174 -3.71 20.88 10.17
CA ASN A 174 -4.40 19.83 10.92
C ASN A 174 -5.69 20.33 11.54
N MET A 175 -5.64 21.50 12.14
CA MET A 175 -6.71 22.05 12.96
C MET A 175 -7.44 23.19 12.25
N PRO A 176 -8.63 23.57 12.73
CA PRO A 176 -9.34 24.70 12.15
C PRO A 176 -8.53 25.99 12.20
N LEU A 177 -8.80 26.85 11.21
CA LEU A 177 -8.27 28.20 11.15
C LEU A 177 -9.02 29.05 12.16
N VAL A 178 -8.28 29.66 13.09
CA VAL A 178 -8.94 30.46 14.12
C VAL A 178 -8.83 31.96 13.86
N LYS A 179 -7.86 32.40 13.07
CA LYS A 179 -7.61 33.81 12.87
C LYS A 179 -6.73 34.00 11.65
N SER A 180 -6.97 35.09 10.91
CA SER A 180 -6.08 35.53 9.85
C SER A 180 -5.72 36.98 10.10
N VAL A 181 -4.42 37.26 10.14
CA VAL A 181 -3.90 38.57 10.53
C VAL A 181 -3.10 39.15 9.38
N THR A 182 -3.39 40.39 9.02
CA THR A 182 -2.55 41.06 8.05
C THR A 182 -1.24 41.46 8.72
N VAL A 183 -0.12 40.99 8.18
CA VAL A 183 1.18 41.24 8.79
C VAL A 183 2.05 42.16 7.96
N ALA A 184 1.65 42.51 6.75
CA ALA A 184 2.45 43.38 5.91
C ALA A 184 1.70 43.54 4.60
N GLU A 185 2.21 44.44 3.76
CA GLU A 185 1.67 44.57 2.41
C GLU A 185 1.65 43.21 1.74
N GLY A 186 0.44 42.76 1.40
CA GLY A 186 0.27 41.52 0.67
C GLY A 186 0.73 40.28 1.40
N LEU A 187 0.80 40.32 2.74
CA LEU A 187 1.15 39.13 3.49
C LEU A 187 0.15 38.92 4.63
N ILE A 188 -0.43 37.72 4.69
CA ILE A 188 -1.38 37.35 5.73
C ILE A 188 -0.80 36.19 6.52
N GLU A 189 -1.06 36.18 7.83
CA GLU A 189 -0.63 35.11 8.73
C GLU A 189 -1.88 34.40 9.27
N ASP A 190 -2.05 33.14 8.88
CA ASP A 190 -3.12 32.29 9.38
C ASP A 190 -2.70 31.62 10.67
N HIS A 191 -3.59 31.59 11.65
CA HIS A 191 -3.36 30.88 12.91
C HIS A 191 -4.30 29.69 12.98
N PHE A 192 -3.75 28.50 13.20
CA PHE A 192 -4.54 27.28 13.34
C PHE A 192 -4.56 26.86 14.81
N ASP A 193 -5.68 26.26 15.24
CA ASP A 193 -5.83 25.91 16.65
C ASP A 193 -4.80 24.85 17.03
N VAL A 194 -4.52 24.74 18.33
CA VAL A 194 -3.53 23.78 18.81
C VAL A 194 -4.04 22.36 18.58
N THR A 195 -3.15 21.47 18.12
CA THR A 195 -3.51 20.06 17.98
C THR A 195 -3.56 19.37 19.33
N VAL A 196 -4.21 18.21 19.36
CA VAL A 196 -4.04 17.26 20.46
C VAL A 196 -2.61 16.75 20.44
N LYS A 197 -2.20 16.05 21.50
CA LYS A 197 -0.87 15.45 21.55
C LYS A 197 -0.72 14.41 20.43
N MET A 198 0.38 14.50 19.67
CA MET A 198 0.52 13.64 18.50
C MET A 198 1.97 13.61 18.05
N SER A 199 2.26 12.69 17.12
CA SER A 199 3.60 12.51 16.59
C SER A 199 3.93 13.53 15.52
N THR A 200 5.22 13.86 15.40
CA THR A 200 5.65 14.86 14.41
C THR A 200 5.27 14.46 13.00
N TYR A 201 5.26 13.16 12.68
CA TYR A 201 5.02 12.79 11.29
C TYR A 201 3.62 13.10 10.83
N LEU A 202 2.71 13.42 11.75
CA LEU A 202 1.32 13.75 11.41
C LEU A 202 1.08 15.22 11.16
N VAL A 203 2.05 16.11 11.43
CA VAL A 203 1.86 17.52 11.08
C VAL A 203 1.66 17.68 9.59
N ALA A 204 0.74 18.57 9.20
CA ALA A 204 0.52 18.80 7.78
C ALA A 204 0.11 20.25 7.56
N PHE A 205 0.48 20.76 6.38
CA PHE A 205 -0.04 22.05 5.95
C PHE A 205 0.07 22.14 4.44
N ILE A 206 -0.86 22.88 3.85
CA ILE A 206 -0.98 23.00 2.40
C ILE A 206 -1.26 24.46 2.07
N ILE A 207 -0.52 24.99 1.10
CA ILE A 207 -0.76 26.34 0.58
C ILE A 207 -1.11 26.19 -0.89
N SER A 208 -2.32 26.61 -1.27
CA SER A 208 -2.82 26.19 -2.59
C SER A 208 -3.94 27.12 -3.03
N ASP A 209 -4.57 26.75 -4.15
CA ASP A 209 -5.77 27.37 -4.68
C ASP A 209 -6.99 26.44 -4.57
N PHE A 210 -6.96 25.46 -3.66
CA PHE A 210 -8.03 24.45 -3.62
C PHE A 210 -9.39 25.07 -3.32
N GLU A 211 -10.41 24.46 -3.94
CA GLU A 211 -11.82 24.57 -3.59
C GLU A 211 -12.17 23.46 -2.61
N SER A 212 -13.32 23.59 -1.95
CA SER A 212 -13.73 22.55 -1.04
C SER A 212 -15.24 22.39 -1.05
N VAL A 213 -15.68 21.22 -0.59
CA VAL A 213 -17.07 20.91 -0.26
C VAL A 213 -17.09 20.25 1.12
N SER A 214 -18.20 20.42 1.85
CA SER A 214 -18.23 19.93 3.23
CA SER A 214 -18.24 19.97 3.24
C SER A 214 -19.59 19.32 3.56
N LYS A 215 -19.58 18.47 4.58
CA LYS A 215 -20.75 17.82 5.15
C LYS A 215 -20.45 17.54 6.62
N ILE A 216 -21.47 17.63 7.48
CA ILE A 216 -21.29 17.49 8.93
C ILE A 216 -21.73 16.11 9.37
N THR A 217 -20.91 15.43 10.18
CA THR A 217 -21.33 14.15 10.72
C THR A 217 -22.40 14.33 11.78
N LYS A 218 -23.04 13.21 12.13
CA LYS A 218 -23.99 13.22 13.24
C LYS A 218 -23.34 13.73 14.53
N SER A 219 -22.04 13.49 14.68
CA SER A 219 -21.31 13.92 15.87
C SER A 219 -20.86 15.36 15.82
N GLY A 220 -21.16 16.09 14.75
CA GLY A 220 -20.81 17.49 14.64
C GLY A 220 -19.45 17.77 14.03
N VAL A 221 -18.77 16.76 13.49
CA VAL A 221 -17.48 16.96 12.85
C VAL A 221 -17.69 17.49 11.44
N LYS A 222 -16.98 18.56 11.08
CA LYS A 222 -17.06 19.10 9.72
C LYS A 222 -16.08 18.34 8.84
N VAL A 223 -16.59 17.58 7.89
CA VAL A 223 -15.77 16.84 6.94
C VAL A 223 -15.75 17.62 5.63
N SER A 224 -14.57 17.79 5.05
CA SER A 224 -14.43 18.52 3.79
C SER A 224 -13.50 17.76 2.86
N VAL A 225 -13.79 17.86 1.57
CA VAL A 225 -12.88 17.42 0.52
C VAL A 225 -12.33 18.66 -0.17
N TYR A 226 -11.01 18.70 -0.36
CA TYR A 226 -10.34 19.78 -1.07
C TYR A 226 -9.75 19.23 -2.37
N ALA A 227 -9.77 20.04 -3.42
CA ALA A 227 -9.22 19.66 -4.71
C ALA A 227 -9.03 20.92 -5.54
N VAL A 228 -8.25 20.81 -6.61
CA VAL A 228 -8.09 21.94 -7.53
C VAL A 228 -9.48 22.33 -8.05
N PRO A 229 -9.71 23.62 -8.34
CA PRO A 229 -11.05 24.04 -8.80
C PRO A 229 -11.59 23.22 -9.96
N ASP A 230 -10.74 22.81 -10.90
CA ASP A 230 -11.23 22.05 -12.05
C ASP A 230 -11.73 20.67 -11.68
N LYS A 231 -11.41 20.18 -10.48
CA LYS A 231 -11.80 18.82 -10.12
C LYS A 231 -12.69 18.74 -8.88
N ILE A 232 -13.07 19.87 -8.27
CA ILE A 232 -13.89 19.77 -7.07
C ILE A 232 -15.24 19.15 -7.37
N ASN A 233 -15.70 19.20 -8.62
CA ASN A 233 -16.95 18.52 -8.96
C ASN A 233 -16.81 17.00 -8.93
N GLN A 234 -15.64 16.46 -8.64
CA GLN A 234 -15.46 15.02 -8.49
C GLN A 234 -15.34 14.59 -7.04
N ALA A 235 -15.65 15.49 -6.10
CA ALA A 235 -15.38 15.24 -4.69
C ALA A 235 -16.55 14.62 -3.94
N ASP A 236 -17.75 14.56 -4.52
CA ASP A 236 -18.90 14.22 -3.69
C ASP A 236 -18.87 12.78 -3.22
N TYR A 237 -18.44 11.83 -4.07
CA TYR A 237 -18.43 10.44 -3.62
C TYR A 237 -17.55 10.27 -2.38
N ALA A 238 -16.32 10.80 -2.41
CA ALA A 238 -15.45 10.64 -1.25
C ALA A 238 -15.99 11.38 -0.03
N LEU A 239 -16.64 12.52 -0.23
CA LEU A 239 -17.18 13.25 0.91
C LEU A 239 -18.25 12.42 1.61
N ASP A 240 -19.20 11.89 0.83
CA ASP A 240 -20.23 11.01 1.39
C ASP A 240 -19.59 9.81 2.09
N ALA A 241 -18.62 9.18 1.44
CA ALA A 241 -17.99 7.99 2.02
C ALA A 241 -17.27 8.31 3.30
N ALA A 242 -16.56 9.46 3.33
CA ALA A 242 -15.82 9.85 4.54
C ALA A 242 -16.75 10.11 5.71
N VAL A 243 -17.89 10.76 5.47
CA VAL A 243 -18.84 11.01 6.56
C VAL A 243 -19.36 9.69 7.10
N THR A 244 -19.76 8.78 6.21
CA THR A 244 -20.27 7.48 6.62
C THR A 244 -19.22 6.69 7.38
N LEU A 245 -17.98 6.69 6.88
CA LEU A 245 -16.95 5.89 7.51
C LEU A 245 -16.50 6.49 8.84
N LEU A 246 -16.39 7.83 8.92
CA LEU A 246 -16.04 8.43 10.20
C LEU A 246 -17.08 8.12 11.25
N GLU A 247 -18.36 8.21 10.86
CA GLU A 247 -19.43 7.84 11.77
C GLU A 247 -19.35 6.37 12.17
N PHE A 248 -19.05 5.48 11.22
CA PHE A 248 -18.91 4.07 11.56
C PHE A 248 -17.83 3.87 12.62
N TYR A 249 -16.66 4.46 12.41
CA TYR A 249 -15.56 4.22 13.35
C TYR A 249 -15.88 4.78 14.73
N GLU A 250 -16.46 5.97 14.79
CA GLU A 250 -16.83 6.54 16.10
C GLU A 250 -17.77 5.62 16.85
N ASP A 251 -18.77 5.07 16.15
CA ASP A 251 -19.73 4.18 16.80
CA ASP A 251 -19.74 4.19 16.79
C ASP A 251 -19.12 2.83 17.10
N TYR A 252 -18.27 2.33 16.20
CA TYR A 252 -17.68 1.01 16.36
C TYR A 252 -16.73 0.97 17.56
N PHE A 253 -15.83 1.95 17.64
CA PHE A 253 -14.83 2.00 18.69
C PHE A 253 -15.36 2.60 19.98
N SER A 254 -16.51 3.25 19.94
CA SER A 254 -17.03 4.00 21.10
C SER A 254 -16.01 5.02 21.58
N ILE A 255 -15.21 5.54 20.65
CA ILE A 255 -14.24 6.58 20.94
C ILE A 255 -14.42 7.68 19.91
N PRO A 256 -14.96 8.84 20.28
CA PRO A 256 -15.21 9.89 19.29
C PRO A 256 -13.94 10.35 18.61
N TYR A 257 -14.09 10.80 17.39
CA TYR A 257 -13.04 11.57 16.74
C TYR A 257 -12.88 12.89 17.48
N PRO A 258 -11.67 13.24 17.92
CA PRO A 258 -11.51 14.35 18.88
C PRO A 258 -11.36 15.74 18.28
N LEU A 259 -11.24 15.87 16.96
CA LEU A 259 -10.99 17.18 16.38
C LEU A 259 -12.26 17.77 15.78
N PRO A 260 -12.31 19.09 15.61
CA PRO A 260 -13.55 19.71 15.12
C PRO A 260 -13.81 19.43 13.64
N LYS A 261 -12.78 19.11 12.86
CA LYS A 261 -12.96 18.91 11.45
C LYS A 261 -12.02 17.83 10.96
N GLN A 262 -12.34 17.29 9.79
CA GLN A 262 -11.48 16.34 9.09
C GLN A 262 -11.49 16.72 7.62
N ASP A 263 -10.33 16.99 7.06
CA ASP A 263 -10.17 17.28 5.64
C ASP A 263 -9.57 16.11 4.90
N LEU A 264 -9.98 15.99 3.64
CA LEU A 264 -9.42 15.03 2.68
C LEU A 264 -9.02 15.85 1.47
N ALA A 265 -7.72 15.97 1.20
CA ALA A 265 -7.23 16.87 0.17
C ALA A 265 -6.54 16.06 -0.93
N ALA A 266 -6.99 16.27 -2.16
CA ALA A 266 -6.43 15.63 -3.35
C ALA A 266 -5.27 16.49 -3.87
N ILE A 267 -4.05 15.96 -3.76
CA ILE A 267 -2.83 16.69 -4.11
C ILE A 267 -2.42 16.33 -5.53
N PRO A 268 -2.16 17.32 -6.42
CA PRO A 268 -1.82 16.98 -7.81
C PRO A 268 -0.58 16.12 -7.98
N ASP A 269 0.39 16.21 -7.07
CA ASP A 269 1.55 15.34 -7.07
C ASP A 269 1.62 14.68 -5.70
N PHE A 270 1.61 13.36 -5.70
CA PHE A 270 1.61 12.62 -4.45
C PHE A 270 2.26 11.26 -4.70
N GLN A 271 3.29 10.94 -3.91
CA GLN A 271 4.07 9.72 -4.16
C GLN A 271 3.30 8.45 -3.83
N SER A 272 2.77 8.37 -2.61
CA SER A 272 2.02 7.19 -2.22
CA SER A 272 2.02 7.17 -2.23
C SER A 272 0.58 7.34 -2.68
N GLY A 273 -0.32 6.53 -2.13
CA GLY A 273 -1.71 6.67 -2.50
C GLY A 273 -2.41 7.66 -1.60
N ALA A 274 -2.12 7.64 -0.30
CA ALA A 274 -2.80 8.53 0.64
C ALA A 274 -2.04 8.55 1.95
N MET A 275 -2.46 9.44 2.85
CA MET A 275 -1.72 9.65 4.11
C MET A 275 -2.69 10.22 5.14
N GLU A 276 -2.54 9.79 6.41
CA GLU A 276 -3.58 9.95 7.43
C GLU A 276 -3.36 11.15 8.36
N ASN A 277 -2.65 12.20 7.91
CA ASN A 277 -2.32 13.31 8.81
C ASN A 277 -3.58 13.77 9.55
N TRP A 278 -3.46 13.90 10.87
CA TRP A 278 -4.63 14.04 11.74
C TRP A 278 -5.36 15.35 11.45
N GLY A 279 -6.60 15.26 10.95
CA GLY A 279 -7.34 16.45 10.57
C GLY A 279 -7.11 16.92 9.15
N LEU A 280 -6.09 16.40 8.47
CA LEU A 280 -5.79 16.85 7.11
C LEU A 280 -5.23 15.65 6.35
N THR A 281 -6.11 14.70 6.05
CA THR A 281 -5.65 13.53 5.30
C THR A 281 -5.47 13.92 3.84
N THR A 282 -4.49 13.28 3.18
CA THR A 282 -4.07 13.66 1.84
C THR A 282 -4.08 12.44 0.91
N TYR A 283 -4.30 12.68 -0.38
CA TYR A 283 -4.55 11.64 -1.38
C TYR A 283 -3.98 12.04 -2.73
N ARG A 284 -3.53 11.04 -3.49
CA ARG A 284 -3.48 11.19 -4.95
C ARG A 284 -4.87 11.57 -5.45
N GLU A 285 -4.91 12.41 -6.49
CA GLU A 285 -6.21 12.67 -7.10
C GLU A 285 -6.89 11.36 -7.49
N SER A 286 -6.12 10.40 -8.00
CA SER A 286 -6.70 9.13 -8.45
C SER A 286 -7.24 8.27 -7.31
N ALA A 287 -6.82 8.54 -6.07
CA ALA A 287 -7.24 7.78 -4.90
C ALA A 287 -8.47 8.38 -4.24
N LEU A 288 -8.94 9.53 -4.69
CA LEU A 288 -9.99 10.24 -3.98
C LEU A 288 -11.11 10.71 -4.88
N LEU A 289 -10.81 11.11 -6.11
CA LEU A 289 -11.78 11.82 -6.94
C LEU A 289 -12.48 10.88 -7.91
N PHE A 290 -13.81 11.00 -7.95
CA PHE A 290 -14.67 10.07 -8.69
C PHE A 290 -15.50 10.83 -9.72
N ASP A 291 -15.41 10.39 -10.98
CA ASP A 291 -16.21 10.91 -12.08
C ASP A 291 -17.26 9.86 -12.38
N ALA A 292 -18.54 10.20 -12.13
CA ALA A 292 -19.59 9.19 -12.24
C ALA A 292 -19.75 8.66 -13.65
N GLU A 293 -19.27 9.37 -14.67
CA GLU A 293 -19.36 8.92 -16.04
C GLU A 293 -18.11 8.21 -16.55
N LYS A 294 -16.95 8.49 -15.98
CA LYS A 294 -15.69 7.94 -16.50
C LYS A 294 -14.95 7.04 -15.52
N SER A 295 -15.25 7.11 -14.23
CA SER A 295 -14.51 6.31 -13.27
C SER A 295 -14.93 4.84 -13.36
N SER A 296 -13.96 3.96 -13.16
CA SER A 296 -14.18 2.52 -13.21
C SER A 296 -14.78 2.02 -11.89
N ALA A 297 -15.35 0.80 -11.95
CA ALA A 297 -15.81 0.15 -10.74
C ALA A 297 -14.66 -0.10 -9.77
N SER A 298 -13.50 -0.50 -10.30
CA SER A 298 -12.32 -0.70 -9.46
CA SER A 298 -12.32 -0.70 -9.46
C SER A 298 -11.92 0.60 -8.77
N SER A 299 -12.06 1.72 -9.46
CA SER A 299 -11.70 2.99 -8.85
C SER A 299 -12.69 3.35 -7.73
N LYS A 300 -13.98 3.11 -7.94
CA LYS A 300 -14.96 3.35 -6.88
C LYS A 300 -14.64 2.53 -5.64
N LEU A 301 -14.41 1.23 -5.82
CA LEU A 301 -13.97 0.39 -4.72
C LEU A 301 -12.70 0.96 -4.06
N GLY A 302 -11.71 1.31 -4.87
CA GLY A 302 -10.45 1.78 -4.32
C GLY A 302 -10.56 3.07 -3.51
N ILE A 303 -11.37 4.02 -3.98
CA ILE A 303 -11.59 5.25 -3.23
C ILE A 303 -12.22 4.93 -1.88
N THR A 304 -13.27 4.09 -1.91
CA THR A 304 -13.95 3.73 -0.68
C THR A 304 -12.97 3.09 0.30
N MET A 305 -12.10 2.20 -0.19
CA MET A 305 -11.18 1.51 0.70
C MET A 305 -10.04 2.42 1.16
N THR A 306 -9.60 3.34 0.30
CA THR A 306 -8.53 4.28 0.70
C THR A 306 -9.03 5.22 1.80
N VAL A 307 -10.23 5.77 1.63
CA VAL A 307 -10.82 6.62 2.66
C VAL A 307 -10.99 5.84 3.95
N ALA A 308 -11.51 4.61 3.86
CA ALA A 308 -11.68 3.80 5.05
C ALA A 308 -10.33 3.55 5.72
N HIS A 309 -9.29 3.35 4.91
CA HIS A 309 -7.97 3.08 5.46
C HIS A 309 -7.43 4.28 6.23
N GLU A 310 -7.38 5.45 5.58
CA GLU A 310 -6.80 6.59 6.28
C GLU A 310 -7.65 7.02 7.48
N LEU A 311 -8.98 6.84 7.41
CA LEU A 311 -9.80 7.18 8.56
C LEU A 311 -9.60 6.19 9.71
N ALA A 312 -9.38 4.90 9.40
CA ALA A 312 -9.08 3.94 10.46
C ALA A 312 -7.86 4.39 11.25
N HIS A 313 -6.86 4.97 10.55
CA HIS A 313 -5.66 5.46 11.21
C HIS A 313 -5.93 6.54 12.23
N GLN A 314 -7.05 7.28 12.12
CA GLN A 314 -7.25 8.30 13.13
C GLN A 314 -7.28 7.68 14.52
N TRP A 315 -7.70 6.42 14.62
CA TRP A 315 -7.59 5.62 15.84
C TRP A 315 -6.30 4.80 15.86
N PHE A 316 -6.11 3.93 14.85
CA PHE A 316 -4.94 3.04 14.75
C PHE A 316 -3.79 3.74 14.02
N GLY A 317 -3.10 4.61 14.76
CA GLY A 317 -1.94 5.32 14.22
C GLY A 317 -1.81 6.71 14.81
N ASN A 318 -2.93 7.42 14.90
CA ASN A 318 -2.88 8.80 15.38
C ASN A 318 -3.18 8.87 16.87
N LEU A 319 -4.36 8.40 17.27
CA LEU A 319 -4.70 8.32 18.70
C LEU A 319 -3.74 7.41 19.44
N VAL A 320 -3.52 6.21 18.91
CA VAL A 320 -2.55 5.25 19.45
C VAL A 320 -1.51 5.03 18.35
N THR A 321 -0.23 5.19 18.70
CA THR A 321 0.85 5.15 17.71
C THR A 321 1.88 4.12 18.14
N MET A 322 2.47 3.39 17.18
CA MET A 322 3.57 2.50 17.55
CA MET A 322 3.54 2.50 17.59
C MET A 322 4.67 3.30 18.23
N GLU A 323 5.35 2.68 19.19
CA GLU A 323 6.45 3.34 19.88
C GLU A 323 7.64 3.56 18.95
N TRP A 324 7.91 2.60 18.06
CA TRP A 324 8.99 2.77 17.11
C TRP A 324 8.64 1.97 15.85
N TRP A 325 9.34 2.28 14.75
CA TRP A 325 8.98 1.77 13.44
C TRP A 325 9.11 0.25 13.34
N ASN A 326 9.82 -0.40 14.27
CA ASN A 326 9.86 -1.85 14.24
C ASN A 326 8.46 -2.44 14.36
N ASP A 327 7.52 -1.70 14.96
CA ASP A 327 6.14 -2.14 15.12
C ASP A 327 5.19 -1.33 14.26
N LEU A 328 5.67 -0.83 13.11
CA LEU A 328 4.78 -0.11 12.20
C LEU A 328 3.52 -0.87 11.86
N TRP A 329 3.57 -2.21 11.88
CA TRP A 329 2.39 -2.97 11.50
C TRP A 329 1.20 -2.67 12.42
N LEU A 330 1.47 -2.23 13.65
CA LEU A 330 0.37 -1.88 14.54
C LEU A 330 -0.50 -0.78 13.94
N ASN A 331 0.15 0.13 13.19
CA ASN A 331 -0.58 1.14 12.41
C ASN A 331 -1.14 0.53 11.13
N GLU A 332 -0.26 0.00 10.28
CA GLU A 332 -0.65 -0.28 8.90
C GLU A 332 -1.44 -1.57 8.74
N GLY A 333 -1.06 -2.64 9.48
CA GLY A 333 -1.85 -3.85 9.43
C GLY A 333 -3.27 -3.64 9.93
N PHE A 334 -3.42 -2.85 11.01
CA PHE A 334 -4.74 -2.57 11.53
C PHE A 334 -5.55 -1.69 10.58
N ALA A 335 -4.93 -0.67 10.00
CA ALA A 335 -5.67 0.17 9.06
C ALA A 335 -6.09 -0.62 7.83
N LYS A 336 -5.23 -1.49 7.31
CA LYS A 336 -5.60 -2.35 6.17
C LYS A 336 -6.76 -3.26 6.57
N PHE A 337 -6.67 -3.90 7.73
CA PHE A 337 -7.75 -4.80 8.15
C PHE A 337 -9.06 -4.03 8.38
N MET A 338 -8.99 -2.85 8.98
CA MET A 338 -10.19 -2.07 9.24
C MET A 338 -10.90 -1.60 7.95
N GLU A 339 -10.18 -1.50 6.83
CA GLU A 339 -10.85 -1.27 5.55
C GLU A 339 -11.98 -2.26 5.35
N PHE A 340 -11.69 -3.53 5.63
CA PHE A 340 -12.66 -4.60 5.37
C PHE A 340 -13.74 -4.64 6.45
N VAL A 341 -13.36 -4.46 7.72
CA VAL A 341 -14.35 -4.46 8.79
C VAL A 341 -15.36 -3.33 8.56
N SER A 342 -14.88 -2.14 8.23
CA SER A 342 -15.77 -0.98 8.09
C SER A 342 -16.59 -1.05 6.81
N VAL A 343 -15.92 -1.21 5.67
CA VAL A 343 -16.64 -1.10 4.40
C VAL A 343 -17.62 -2.26 4.23
N SER A 344 -17.35 -3.42 4.84
CA SER A 344 -18.32 -4.50 4.76
CA SER A 344 -18.31 -4.52 4.82
C SER A 344 -19.65 -4.09 5.37
N VAL A 345 -19.67 -3.09 6.25
CA VAL A 345 -20.87 -2.58 6.87
C VAL A 345 -21.39 -1.34 6.16
N THR A 346 -20.50 -0.40 5.81
CA THR A 346 -20.94 0.88 5.28
C THR A 346 -21.35 0.82 3.82
N HIS A 347 -20.70 -0.04 3.03
CA HIS A 347 -20.98 -0.18 1.60
C HIS A 347 -21.17 -1.65 1.28
N PRO A 348 -22.22 -2.28 1.81
CA PRO A 348 -22.39 -3.73 1.62
C PRO A 348 -22.48 -4.14 0.17
N GLU A 349 -22.87 -3.23 -0.72
CA GLU A 349 -22.97 -3.56 -2.14
C GLU A 349 -21.61 -3.85 -2.78
N LEU A 350 -20.50 -3.41 -2.17
CA LEU A 350 -19.17 -3.69 -2.70
C LEU A 350 -18.69 -5.09 -2.37
N LYS A 351 -19.33 -5.76 -1.42
CA LYS A 351 -18.99 -7.12 -1.01
C LYS A 351 -17.48 -7.29 -0.82
N VAL A 352 -16.86 -6.33 -0.11
CA VAL A 352 -15.40 -6.29 -0.01
C VAL A 352 -14.86 -7.48 0.75
N GLY A 353 -15.64 -8.02 1.69
CA GLY A 353 -15.21 -9.21 2.39
C GLY A 353 -14.75 -10.31 1.45
N ASP A 354 -15.36 -10.39 0.26
CA ASP A 354 -15.00 -11.40 -0.73
C ASP A 354 -13.56 -11.25 -1.19
N TYR A 355 -13.02 -10.04 -1.17
CA TYR A 355 -11.70 -9.75 -1.73
C TYR A 355 -10.55 -9.90 -0.74
N PHE A 356 -10.84 -10.00 0.55
CA PHE A 356 -9.79 -9.83 1.55
C PHE A 356 -8.68 -10.86 1.39
N PHE A 357 -9.04 -12.11 1.15
CA PHE A 357 -8.01 -13.14 1.16
C PHE A 357 -6.96 -12.86 0.09
N GLY A 358 -7.31 -12.16 -0.98
CA GLY A 358 -6.32 -11.85 -2.00
C GLY A 358 -5.11 -11.09 -1.46
N LYS A 359 -5.33 -10.31 -0.40
CA LYS A 359 -4.21 -9.61 0.23
C LYS A 359 -3.25 -10.60 0.88
N CYS A 360 -3.80 -11.68 1.45
CA CYS A 360 -2.94 -12.69 2.06
C CYS A 360 -2.09 -13.41 1.04
N PHE A 361 -2.64 -13.74 -0.13
CA PHE A 361 -1.82 -14.36 -1.16
C PHE A 361 -0.74 -13.39 -1.64
N ASP A 362 -1.03 -12.09 -1.65
CA ASP A 362 0.02 -11.11 -1.96
C ASP A 362 1.16 -11.21 -0.95
N ALA A 363 0.83 -11.18 0.34
CA ALA A 363 1.88 -11.29 1.35
C ALA A 363 2.67 -12.59 1.18
N MET A 364 1.98 -13.69 0.87
CA MET A 364 2.67 -14.97 0.82
C MET A 364 3.71 -15.05 -0.28
N GLU A 365 3.55 -14.27 -1.35
CA GLU A 365 4.55 -14.26 -2.41
C GLU A 365 5.90 -13.81 -1.85
N VAL A 366 5.91 -12.68 -1.14
CA VAL A 366 7.13 -12.19 -0.52
C VAL A 366 7.54 -13.06 0.66
N ASP A 367 6.57 -13.55 1.43
CA ASP A 367 6.86 -14.18 2.70
C ASP A 367 7.32 -15.63 2.56
N ALA A 368 7.25 -16.20 1.37
CA ALA A 368 7.78 -17.53 1.12
C ALA A 368 9.27 -17.53 0.86
N LEU A 369 9.90 -16.36 0.76
CA LEU A 369 11.32 -16.25 0.43
C LEU A 369 12.15 -16.01 1.68
N ASN A 370 13.42 -16.45 1.59
CA ASN A 370 14.32 -16.24 2.74
C ASN A 370 14.49 -14.76 3.06
N SER A 371 14.38 -13.88 2.06
CA SER A 371 14.55 -12.44 2.22
C SER A 371 13.32 -11.74 2.82
N SER A 372 12.30 -12.49 3.24
CA SER A 372 11.24 -11.86 4.01
C SER A 372 11.76 -11.50 5.41
N HIS A 373 10.93 -10.80 6.17
CA HIS A 373 11.27 -10.40 7.53
C HIS A 373 10.06 -10.60 8.42
N PRO A 374 10.28 -10.78 9.72
CA PRO A 374 9.12 -10.88 10.63
C PRO A 374 8.32 -9.60 10.62
N VAL A 375 7.01 -9.74 10.94
CA VAL A 375 6.11 -8.59 10.98
C VAL A 375 6.66 -7.49 11.88
N SER A 376 7.18 -7.86 13.05
CA SER A 376 7.88 -6.93 13.95
CA SER A 376 7.89 -6.93 13.93
C SER A 376 9.37 -7.25 13.84
N THR A 377 10.18 -6.25 13.46
CA THR A 377 11.59 -6.52 13.23
C THR A 377 12.36 -5.22 13.38
N PRO A 378 13.62 -5.26 13.83
CA PRO A 378 14.31 -4.00 14.16
C PRO A 378 14.70 -3.20 12.92
N VAL A 379 14.55 -1.89 13.01
CA VAL A 379 15.04 -0.95 11.98
C VAL A 379 15.63 0.25 12.70
N GLU A 380 16.54 0.94 11.99
CA GLU A 380 17.22 2.06 12.62
C GLU A 380 17.27 3.32 11.77
N ASN A 381 17.71 3.21 10.52
CA ASN A 381 17.90 4.40 9.70
C ASN A 381 16.71 4.61 8.78
N PRO A 382 16.60 5.81 8.19
CA PRO A 382 15.38 6.14 7.43
C PRO A 382 15.08 5.19 6.28
N ALA A 383 16.10 4.72 5.56
CA ALA A 383 15.83 3.78 4.48
C ALA A 383 15.23 2.47 5.00
N GLN A 384 15.76 1.97 6.13
CA GLN A 384 15.20 0.76 6.73
C GLN A 384 13.77 0.98 7.21
N ILE A 385 13.50 2.15 7.79
CA ILE A 385 12.15 2.49 8.23
C ILE A 385 11.20 2.49 7.04
N ARG A 386 11.61 3.15 5.94
CA ARG A 386 10.75 3.18 4.76
C ARG A 386 10.46 1.78 4.23
N GLU A 387 11.40 0.85 4.41
CA GLU A 387 11.18 -0.53 3.97
C GLU A 387 10.11 -1.23 4.77
N MET A 388 9.76 -0.72 5.96
CA MET A 388 8.64 -1.32 6.69
C MET A 388 7.28 -1.07 6.06
N PHE A 389 7.17 -0.14 5.11
CA PHE A 389 5.91 0.10 4.44
C PHE A 389 5.78 -0.89 3.27
N ASP A 390 5.55 -2.16 3.61
CA ASP A 390 5.65 -3.24 2.64
C ASP A 390 4.51 -4.23 2.84
N ASP A 391 4.45 -5.27 2.00
CA ASP A 391 3.33 -6.18 2.04
C ASP A 391 3.26 -6.99 3.32
N VAL A 392 4.39 -7.10 4.04
CA VAL A 392 4.35 -7.80 5.32
C VAL A 392 3.62 -6.96 6.37
N SER A 393 3.99 -5.68 6.51
CA SER A 393 3.33 -4.84 7.50
C SER A 393 1.85 -4.69 7.19
N TYR A 394 1.52 -4.48 5.91
CA TYR A 394 0.14 -4.17 5.53
C TYR A 394 -0.69 -5.44 5.41
N ASP A 395 -0.28 -6.33 4.50
CA ASP A 395 -1.13 -7.44 4.10
C ASP A 395 -0.99 -8.62 5.05
N LYS A 396 0.24 -9.07 5.34
CA LYS A 396 0.35 -10.10 6.37
C LYS A 396 -0.20 -9.59 7.70
N GLY A 397 0.11 -8.33 8.05
CA GLY A 397 -0.46 -7.75 9.25
C GLY A 397 -1.97 -7.87 9.30
N ALA A 398 -2.63 -7.48 8.21
CA ALA A 398 -4.08 -7.58 8.23
C ALA A 398 -4.54 -9.02 8.27
N CYS A 399 -3.80 -9.91 7.61
CA CYS A 399 -4.24 -11.29 7.50
CA CYS A 399 -4.30 -11.26 7.51
C CYS A 399 -4.13 -12.02 8.83
N ILE A 400 -3.08 -11.72 9.62
CA ILE A 400 -2.98 -12.38 10.93
C ILE A 400 -3.99 -11.77 11.89
N LEU A 401 -4.34 -10.49 11.72
CA LEU A 401 -5.45 -9.96 12.53
C LEU A 401 -6.77 -10.62 12.16
N ASN A 402 -7.03 -10.83 10.87
CA ASN A 402 -8.24 -11.55 10.45
C ASN A 402 -8.27 -12.93 11.07
N MET A 403 -7.14 -13.63 11.01
CA MET A 403 -7.03 -14.96 11.60
C MET A 403 -7.31 -14.93 13.11
N LEU A 404 -6.71 -13.97 13.82
CA LEU A 404 -6.95 -13.82 15.25
C LEU A 404 -8.41 -13.51 15.54
N ARG A 405 -9.02 -12.63 14.73
CA ARG A 405 -10.41 -12.26 14.97
C ARG A 405 -11.35 -13.45 14.81
N GLU A 406 -11.12 -14.27 13.77
CA GLU A 406 -11.93 -15.47 13.59
C GLU A 406 -11.73 -16.44 14.74
N TYR A 407 -10.50 -16.51 15.27
CA TYR A 407 -10.20 -17.44 16.36
C TYR A 407 -10.85 -16.97 17.67
N LEU A 408 -10.74 -15.68 17.99
CA LEU A 408 -11.32 -15.18 19.23
C LEU A 408 -12.82 -14.93 19.14
N SER A 409 -13.34 -14.73 17.93
CA SER A 409 -14.68 -14.24 17.64
C SER A 409 -14.65 -12.71 17.49
N ALA A 410 -15.50 -12.20 16.60
CA ALA A 410 -15.53 -10.77 16.33
C ALA A 410 -15.78 -9.95 17.59
N ASP A 411 -16.70 -10.40 18.46
CA ASP A 411 -17.03 -9.57 19.63
C ASP A 411 -15.88 -9.51 20.64
N ALA A 412 -15.23 -10.65 20.88
CA ALA A 412 -14.09 -10.64 21.79
C ALA A 412 -12.95 -9.80 21.23
N PHE A 413 -12.68 -9.95 19.93
CA PHE A 413 -11.66 -9.15 19.26
C PHE A 413 -11.99 -7.67 19.38
N LYS A 414 -13.25 -7.30 19.15
CA LYS A 414 -13.67 -5.91 19.28
C LYS A 414 -13.44 -5.38 20.69
N SER A 415 -13.86 -6.14 21.71
CA SER A 415 -13.61 -5.71 23.08
C SER A 415 -12.12 -5.49 23.33
N GLY A 416 -11.28 -6.35 22.76
CA GLY A 416 -9.85 -6.21 22.95
C GLY A 416 -9.30 -4.94 22.33
N ILE A 417 -9.69 -4.64 21.10
CA ILE A 417 -9.11 -3.47 20.46
C ILE A 417 -9.68 -2.19 21.04
N VAL A 418 -10.92 -2.23 21.55
CA VAL A 418 -11.44 -1.03 22.20
C VAL A 418 -10.68 -0.77 23.50
N GLN A 419 -10.43 -1.80 24.29
CA GLN A 419 -9.69 -1.60 25.53
C GLN A 419 -8.27 -1.09 25.23
N TYR A 420 -7.66 -1.62 24.16
CA TYR A 420 -6.34 -1.19 23.72
C TYR A 420 -6.34 0.29 23.34
N LEU A 421 -7.30 0.71 22.50
CA LEU A 421 -7.34 2.12 22.09
C LEU A 421 -7.61 3.03 23.27
N GLN A 422 -8.49 2.62 24.19
CA GLN A 422 -8.79 3.45 25.35
C GLN A 422 -7.56 3.58 26.24
N LYS A 423 -6.92 2.46 26.56
CA LYS A 423 -5.82 2.48 27.52
C LYS A 423 -4.62 3.26 27.02
N HIS A 424 -4.39 3.23 25.71
CA HIS A 424 -3.19 3.81 25.14
C HIS A 424 -3.47 5.07 24.35
N SER A 425 -4.67 5.65 24.49
CA SER A 425 -4.97 6.93 23.85
C SER A 425 -3.91 7.98 24.14
N TYR A 426 -3.48 8.67 23.08
CA TYR A 426 -2.48 9.74 23.13
C TYR A 426 -1.12 9.26 23.63
N LYS A 427 -0.87 7.96 23.48
CA LYS A 427 0.40 7.35 23.90
C LYS A 427 0.91 6.43 22.79
N ASN A 428 1.93 5.62 23.08
CA ASN A 428 2.52 4.72 22.07
C ASN A 428 2.52 3.29 22.59
N THR A 429 2.54 2.35 21.65
CA THR A 429 2.42 0.93 21.98
C THR A 429 3.50 0.10 21.29
N LYS A 430 3.75 -1.07 21.86
CA LYS A 430 4.55 -2.13 21.28
C LYS A 430 3.69 -3.36 21.02
N ASN A 431 4.22 -4.26 20.18
CA ASN A 431 3.63 -5.57 19.92
C ASN A 431 2.97 -6.13 21.17
N GLU A 432 3.72 -6.22 22.27
CA GLU A 432 3.23 -6.92 23.45
C GLU A 432 2.02 -6.23 24.08
N ASP A 433 1.87 -4.92 23.91
CA ASP A 433 0.71 -4.23 24.48
C ASP A 433 -0.58 -4.70 23.84
N LEU A 434 -0.55 -4.97 22.53
CA LEU A 434 -1.73 -5.47 21.85
C LEU A 434 -2.15 -6.81 22.43
N TRP A 435 -1.20 -7.74 22.60
CA TRP A 435 -1.58 -9.04 23.12
C TRP A 435 -2.13 -8.93 24.54
N ASP A 436 -1.51 -8.06 25.35
CA ASP A 436 -2.00 -7.87 26.72
C ASP A 436 -3.45 -7.39 26.72
N SER A 437 -3.79 -6.45 25.84
CA SER A 437 -5.18 -6.01 25.75
C SER A 437 -6.10 -7.14 25.29
N MET A 438 -5.65 -7.95 24.33
CA MET A 438 -6.53 -8.99 23.82
C MET A 438 -6.85 -10.01 24.89
N ALA A 439 -5.90 -10.26 25.80
CA ALA A 439 -6.07 -11.24 26.87
C ALA A 439 -6.91 -10.71 28.03
N SER A 440 -7.22 -9.41 28.05
CA SER A 440 -8.02 -8.85 29.12
C SER A 440 -9.51 -9.13 28.98
N ILE A 441 -9.95 -9.56 27.80
CA ILE A 441 -11.38 -9.73 27.54
C ILE A 441 -11.94 -10.92 28.32
N SER A 442 -10.68 -13.58 27.72
CA SER A 442 -9.89 -14.05 28.85
C SER A 442 -9.10 -15.30 28.49
N GLY A 443 -7.54 -17.58 25.88
CA GLY A 443 -7.58 -16.17 26.19
C GLY A 443 -6.22 -15.51 26.14
N ASP A 444 -5.20 -16.21 26.62
CA ASP A 444 -3.84 -15.75 26.34
C ASP A 444 -3.55 -15.97 24.87
N VAL A 445 -3.13 -14.90 24.21
CA VAL A 445 -2.87 -14.86 22.79
C VAL A 445 -1.42 -14.52 22.50
N LYS A 446 -0.63 -14.28 23.54
CA LYS A 446 0.72 -13.77 23.35
C LYS A 446 1.62 -14.83 22.73
N THR A 447 1.60 -16.06 23.26
CA THR A 447 2.43 -17.10 22.67
C THR A 447 2.07 -17.32 21.21
N MET A 448 0.76 -17.44 20.93
CA MET A 448 0.32 -17.63 19.55
C MET A 448 0.73 -16.47 18.67
N MET A 449 0.46 -15.25 19.10
CA MET A 449 0.68 -14.15 18.17
C MET A 449 2.14 -13.78 18.09
N ASN A 450 2.96 -14.16 19.07
CA ASN A 450 4.40 -14.04 18.89
C ASN A 450 4.89 -14.94 17.76
N THR A 451 4.30 -16.14 17.59
CA THR A 451 4.76 -16.97 16.47
C THR A 451 4.45 -16.31 15.13
N TRP A 452 3.41 -15.49 15.04
CA TRP A 452 3.03 -14.86 13.78
C TRP A 452 3.69 -13.52 13.56
N THR A 453 4.29 -12.92 14.59
CA THR A 453 4.89 -11.60 14.44
C THR A 453 6.39 -11.58 14.64
N LEU A 454 6.98 -12.55 15.33
CA LEU A 454 8.39 -12.48 15.64
C LEU A 454 9.25 -13.42 14.80
N GLN A 455 8.65 -14.21 13.93
CA GLN A 455 9.42 -14.97 12.97
C GLN A 455 8.80 -14.81 11.59
N LYS A 456 9.64 -14.84 10.57
CA LYS A 456 9.12 -14.66 9.21
C LYS A 456 8.37 -15.91 8.75
N GLY A 457 7.69 -15.76 7.62
CA GLY A 457 7.15 -16.90 6.90
C GLY A 457 5.83 -17.43 7.41
N PHE A 458 5.45 -18.58 6.88
CA PHE A 458 4.19 -19.20 7.24
C PHE A 458 4.32 -20.71 7.06
N PRO A 459 3.46 -21.47 7.73
CA PRO A 459 3.54 -22.94 7.60
C PRO A 459 2.76 -23.52 6.44
N LEU A 460 3.28 -24.64 5.95
CA LEU A 460 2.53 -25.63 5.20
C LEU A 460 1.91 -26.61 6.18
N ILE A 461 0.59 -26.79 6.11
CA ILE A 461 -0.13 -27.77 6.92
C ILE A 461 -0.40 -28.96 6.02
N THR A 462 0.04 -30.14 6.40
CA THR A 462 -0.17 -31.35 5.59
C THR A 462 -1.22 -32.21 6.26
N ILE A 463 -2.21 -32.65 5.50
CA ILE A 463 -3.38 -33.37 6.00
C ILE A 463 -3.33 -34.79 5.44
N THR A 464 -3.45 -35.78 6.31
CA THR A 464 -3.48 -37.18 5.90
C THR A 464 -4.68 -37.84 6.56
N VAL A 465 -5.59 -38.39 5.75
CA VAL A 465 -6.85 -38.95 6.24
C VAL A 465 -6.77 -40.47 6.15
N ARG A 466 -7.04 -41.14 7.27
CA ARG A 466 -7.11 -42.60 7.36
C ARG A 466 -8.46 -42.90 8.01
N GLY A 467 -9.48 -43.14 7.20
CA GLY A 467 -10.82 -43.33 7.76
C GLY A 467 -11.29 -42.10 8.51
N ARG A 468 -11.63 -42.24 9.80
CA ARG A 468 -12.03 -41.08 10.59
C ARG A 468 -10.84 -40.31 11.13
N ASN A 469 -9.63 -40.84 10.98
CA ASN A 469 -8.43 -40.25 11.54
CA ASN A 469 -8.41 -40.27 11.53
C ASN A 469 -7.88 -39.18 10.61
N VAL A 470 -7.79 -37.95 11.11
CA VAL A 470 -7.27 -36.82 10.36
C VAL A 470 -5.95 -36.41 10.99
N HIS A 471 -4.85 -36.70 10.31
CA HIS A 471 -3.53 -36.36 10.81
CA HIS A 471 -3.51 -36.38 10.79
C HIS A 471 -3.09 -35.02 10.25
N MET A 472 -2.52 -34.19 11.13
CA MET A 472 -2.09 -32.84 10.80
C MET A 472 -0.60 -32.68 11.12
N LYS A 473 0.12 -32.01 10.22
CA LYS A 473 1.52 -31.68 10.44
C LYS A 473 1.76 -30.27 9.96
N GLN A 474 2.67 -29.56 10.61
CA GLN A 474 3.09 -28.25 10.15
C GLN A 474 4.59 -28.23 9.91
N GLU A 475 5.00 -27.46 8.90
CA GLU A 475 6.40 -27.16 8.63
C GLU A 475 6.48 -25.81 7.94
N HIS A 476 7.59 -25.12 8.14
CA HIS A 476 7.80 -23.84 7.48
C HIS A 476 7.80 -24.00 5.95
N TYR A 477 6.95 -23.25 5.26
CA TYR A 477 6.94 -23.26 3.79
C TYR A 477 7.99 -22.29 3.28
N MET A 478 8.97 -22.78 2.52
CA MET A 478 9.95 -21.85 1.96
C MET A 478 10.35 -22.31 0.56
N LYS A 479 10.42 -21.36 -0.37
CA LYS A 479 10.87 -21.68 -1.71
C LYS A 479 12.38 -21.72 -1.75
N GLY A 480 12.92 -22.64 -2.56
CA GLY A 480 14.35 -22.74 -2.78
C GLY A 480 15.20 -22.73 -1.54
N ASP A 481 16.48 -26.40 7.09
CA ASP A 481 15.22 -26.27 7.82
C ASP A 481 15.34 -25.29 8.98
N THR A 482 14.40 -24.34 9.04
CA THR A 482 14.42 -23.35 10.11
C THR A 482 13.94 -23.94 11.44
N GLY A 483 13.06 -24.93 11.39
CA GLY A 483 12.42 -25.44 12.59
C GLY A 483 11.34 -24.55 13.17
N TYR A 484 10.91 -23.52 12.45
CA TYR A 484 9.86 -22.64 12.95
C TYR A 484 8.59 -23.44 13.26
N LEU A 485 7.88 -22.98 14.29
CA LEU A 485 6.63 -23.59 14.70
C LEU A 485 5.65 -22.47 15.03
N TRP A 486 4.39 -22.67 14.66
CA TRP A 486 3.33 -21.71 14.89
C TRP A 486 2.21 -22.30 15.73
N HIS A 487 1.45 -21.43 16.39
CA HIS A 487 0.12 -21.80 16.89
C HIS A 487 -0.88 -21.49 15.79
N VAL A 488 -1.36 -22.52 15.10
CA VAL A 488 -2.15 -22.35 13.88
C VAL A 488 -3.62 -22.61 14.21
N PRO A 489 -4.49 -21.61 14.13
CA PRO A 489 -5.92 -21.86 14.31
C PRO A 489 -6.53 -22.45 13.04
N LEU A 490 -6.54 -23.77 12.96
CA LEU A 490 -7.04 -24.44 11.77
C LEU A 490 -8.57 -24.38 11.72
N THR A 491 -9.10 -24.36 10.49
CA THR A 491 -10.52 -24.54 10.24
C THR A 491 -10.72 -25.60 9.16
N PHE A 492 -11.86 -26.29 9.20
CA PHE A 492 -12.15 -27.21 8.12
C PHE A 492 -13.65 -27.43 7.97
N ILE A 493 -14.05 -27.85 6.75
CA ILE A 493 -15.38 -28.36 6.46
C ILE A 493 -15.18 -29.71 5.78
N THR A 494 -16.27 -30.48 5.68
CA THR A 494 -16.20 -31.79 5.05
C THR A 494 -17.43 -32.03 4.19
N SER A 495 -17.41 -33.14 3.45
CA SER A 495 -18.57 -33.55 2.67
C SER A 495 -19.80 -33.77 3.55
N LYS A 496 -19.63 -34.02 4.85
CA LYS A 496 -20.76 -34.25 5.74
C LYS A 496 -21.14 -33.07 6.61
N SER A 497 -20.29 -32.04 6.70
CA SER A 497 -20.59 -30.90 7.57
C SER A 497 -20.04 -29.61 6.97
N ASP A 498 -20.90 -28.64 6.65
CA ASP A 498 -20.40 -27.34 6.23
C ASP A 498 -20.37 -26.33 7.38
N MET A 499 -20.56 -26.79 8.62
CA MET A 499 -20.17 -25.96 9.75
C MET A 499 -18.65 -25.82 9.78
N VAL A 500 -18.17 -24.62 10.10
CA VAL A 500 -16.73 -24.39 10.23
C VAL A 500 -16.26 -25.02 11.53
N HIS A 501 -15.43 -26.05 11.41
CA HIS A 501 -14.84 -26.72 12.56
C HIS A 501 -13.46 -26.15 12.84
N ARG A 502 -13.13 -26.01 14.13
CA ARG A 502 -11.90 -25.36 14.55
C ARG A 502 -11.00 -26.34 15.27
N PHE A 503 -9.69 -26.21 15.05
CA PHE A 503 -8.71 -27.03 15.75
C PHE A 503 -7.43 -26.22 15.87
N LEU A 504 -6.95 -26.01 17.09
CA LEU A 504 -5.73 -25.22 17.30
C LEU A 504 -4.52 -26.15 17.28
N LEU A 505 -3.71 -26.06 16.23
CA LEU A 505 -2.50 -26.85 16.10
C LEU A 505 -1.35 -26.05 16.71
N LYS A 506 -0.89 -26.47 17.89
CA LYS A 506 0.19 -25.79 18.60
C LYS A 506 1.52 -26.50 18.47
N THR A 507 1.54 -27.63 17.77
CA THR A 507 2.65 -28.57 17.84
C THR A 507 2.99 -29.00 16.42
N LYS A 508 4.11 -29.71 16.29
CA LYS A 508 4.53 -30.16 14.97
C LYS A 508 3.49 -31.06 14.33
N THR A 509 2.88 -31.95 15.12
CA THR A 509 1.82 -32.81 14.62
C THR A 509 0.72 -32.94 15.65
N ASP A 510 -0.45 -33.36 15.16
CA ASP A 510 -1.58 -33.69 16.02
C ASP A 510 -2.53 -34.56 15.20
N VAL A 511 -3.63 -34.94 15.82
CA VAL A 511 -4.61 -35.80 15.16
C VAL A 511 -5.98 -35.40 15.68
N LEU A 512 -6.99 -35.45 14.81
CA LEU A 512 -8.37 -35.35 15.25
C LEU A 512 -9.16 -36.49 14.63
N ILE A 513 -10.28 -36.83 15.27
CA ILE A 513 -11.11 -37.97 14.88
C ILE A 513 -12.44 -37.44 14.41
N LEU A 514 -12.75 -37.60 13.12
CA LEU A 514 -14.04 -37.20 12.60
C LEU A 514 -15.13 -38.09 13.17
N PRO A 515 -16.35 -37.55 13.31
CA PRO A 515 -17.44 -38.37 13.88
C PRO A 515 -17.84 -39.54 12.97
N GLU A 516 -17.69 -39.36 11.67
CA GLU A 516 -17.96 -40.39 10.66
C GLU A 516 -17.05 -40.12 9.47
N GLU A 517 -16.78 -41.17 8.69
CA GLU A 517 -15.94 -40.99 7.51
C GLU A 517 -16.61 -40.03 6.53
N VAL A 518 -15.77 -39.33 5.77
CA VAL A 518 -16.20 -38.31 4.82
C VAL A 518 -15.63 -38.62 3.44
N GLU A 519 -16.25 -38.02 2.42
CA GLU A 519 -15.73 -38.15 1.06
C GLU A 519 -14.63 -37.16 0.75
N TRP A 520 -14.57 -36.05 1.47
CA TRP A 520 -13.54 -35.06 1.27
C TRP A 520 -13.54 -34.15 2.49
N ILE A 521 -12.40 -33.51 2.71
CA ILE A 521 -12.22 -32.54 3.79
C ILE A 521 -11.44 -31.37 3.21
N LYS A 522 -11.79 -30.15 3.62
CA LYS A 522 -11.15 -28.95 3.09
CA LYS A 522 -11.13 -28.97 3.10
C LYS A 522 -10.76 -28.05 4.27
N PHE A 523 -9.46 -27.82 4.44
CA PHE A 523 -8.96 -26.97 5.53
C PHE A 523 -8.76 -25.53 5.04
N ASN A 524 -8.76 -24.61 6.02
CA ASN A 524 -8.60 -23.16 5.81
C ASN A 524 -9.82 -22.59 5.09
N VAL A 525 -10.93 -22.56 5.82
CA VAL A 525 -12.24 -22.29 5.25
C VAL A 525 -12.34 -20.81 4.94
N GLY A 526 -12.71 -20.49 3.70
CA GLY A 526 -12.71 -19.11 3.30
C GLY A 526 -11.35 -18.46 3.14
N MET A 527 -10.25 -19.20 3.28
CA MET A 527 -8.90 -18.59 3.29
C MET A 527 -8.80 -17.48 4.33
N ASN A 528 -9.28 -17.78 5.54
CA ASN A 528 -9.12 -16.86 6.64
C ASN A 528 -7.86 -17.12 7.48
N GLY A 529 -7.10 -18.15 7.14
CA GLY A 529 -5.86 -18.47 7.86
C GLY A 529 -4.64 -18.18 7.01
N TYR A 530 -3.58 -17.71 7.67
CA TYR A 530 -2.35 -17.37 6.97
C TYR A 530 -1.45 -18.60 6.91
N TYR A 531 -1.89 -19.59 6.12
CA TYR A 531 -1.14 -20.82 5.89
C TYR A 531 -1.66 -21.50 4.63
N ILE A 532 -0.90 -22.45 4.13
CA ILE A 532 -1.34 -23.23 2.97
C ILE A 532 -1.46 -24.70 3.39
N VAL A 533 -2.18 -25.46 2.57
CA VAL A 533 -2.56 -26.82 2.93
C VAL A 533 -2.19 -27.77 1.80
N HIS A 534 -1.57 -28.89 2.17
CA HIS A 534 -1.29 -29.99 1.27
C HIS A 534 -2.06 -31.21 1.75
N TYR A 535 -2.55 -32.03 0.82
CA TYR A 535 -3.29 -33.24 1.14
C TYR A 535 -2.51 -34.43 0.62
N GLU A 536 -2.24 -35.41 1.49
CA GLU A 536 -1.49 -36.57 1.03
C GLU A 536 -2.40 -37.60 0.38
N ASP A 537 -1.79 -38.63 -0.21
CA ASP A 537 -2.54 -39.79 -0.75
C ASP A 537 -3.45 -39.29 -1.87
N ASP A 538 -4.72 -39.68 -1.89
CA ASP A 538 -5.62 -39.28 -2.96
C ASP A 538 -6.25 -37.92 -2.71
N GLY A 539 -5.71 -37.12 -1.78
CA GLY A 539 -6.40 -35.91 -1.37
C GLY A 539 -6.56 -34.90 -2.50
N TRP A 540 -5.47 -34.62 -3.22
CA TRP A 540 -5.59 -33.66 -4.33
C TRP A 540 -6.45 -34.22 -5.46
N ASP A 541 -6.44 -35.53 -5.70
CA ASP A 541 -7.38 -36.11 -6.66
C ASP A 541 -8.83 -35.91 -6.22
N SER A 542 -9.10 -36.17 -4.94
CA SER A 542 -10.43 -35.95 -4.39
C SER A 542 -10.90 -34.51 -4.59
N LEU A 543 -10.05 -33.54 -4.26
CA LEU A 543 -10.47 -32.14 -4.35
C LEU A 543 -10.55 -31.69 -5.81
N THR A 544 -9.67 -32.21 -6.66
CA THR A 544 -9.79 -31.96 -8.10
C THR A 544 -11.13 -32.46 -8.63
N GLY A 545 -11.52 -33.67 -8.24
CA GLY A 545 -12.81 -34.20 -8.68
C GLY A 545 -13.97 -33.40 -8.14
N LEU A 546 -13.84 -32.93 -6.91
CA LEU A 546 -14.88 -32.06 -6.35
C LEU A 546 -15.07 -30.82 -7.21
N LEU A 547 -13.96 -30.16 -7.57
CA LEU A 547 -14.08 -28.96 -8.39
C LEU A 547 -14.61 -29.27 -9.78
N LYS A 548 -14.26 -30.43 -10.32
CA LYS A 548 -14.70 -30.71 -11.69
C LYS A 548 -16.17 -31.09 -11.75
N GLY A 549 -16.67 -31.77 -10.73
CA GLY A 549 -18.04 -32.27 -10.74
C GLY A 549 -19.08 -31.49 -9.95
N THR A 550 -18.67 -30.86 -8.85
CA THR A 550 -19.60 -30.13 -7.99
C THR A 550 -18.88 -28.94 -7.34
N HIS A 551 -18.39 -28.01 -8.17
CA HIS A 551 -17.53 -26.96 -7.63
C HIS A 551 -18.26 -26.06 -6.63
N THR A 552 -19.59 -26.00 -6.67
CA THR A 552 -20.27 -25.18 -5.67
C THR A 552 -20.39 -25.87 -4.32
N ALA A 553 -19.84 -27.07 -4.16
CA ALA A 553 -19.78 -27.71 -2.85
C ALA A 553 -18.97 -26.89 -1.85
N VAL A 554 -18.05 -26.04 -2.31
CA VAL A 554 -17.30 -25.14 -1.44
C VAL A 554 -17.46 -23.72 -1.96
N SER A 555 -17.11 -22.75 -1.11
CA SER A 555 -17.32 -21.34 -1.46
C SER A 555 -16.37 -20.90 -2.57
N SER A 556 -16.73 -19.79 -3.21
CA SER A 556 -15.85 -19.18 -4.22
CA SER A 556 -15.85 -19.20 -4.22
C SER A 556 -14.44 -18.96 -3.67
N ASN A 557 -14.33 -18.45 -2.44
CA ASN A 557 -12.99 -18.21 -1.92
C ASN A 557 -12.28 -19.51 -1.56
N ASP A 558 -13.03 -20.55 -1.18
CA ASP A 558 -12.39 -21.84 -1.00
C ASP A 558 -11.86 -22.38 -2.32
N ARG A 559 -12.58 -22.14 -3.42
CA ARG A 559 -12.07 -22.55 -4.73
C ARG A 559 -10.80 -21.78 -5.09
N ALA A 560 -10.79 -20.48 -4.85
CA ALA A 560 -9.57 -19.70 -5.08
C ALA A 560 -8.40 -20.23 -4.25
N SER A 561 -8.66 -20.62 -2.99
CA SER A 561 -7.57 -21.09 -2.15
C SER A 561 -6.99 -22.41 -2.66
N LEU A 562 -7.83 -23.29 -3.23
CA LEU A 562 -7.32 -24.55 -3.79
C LEU A 562 -6.46 -24.27 -5.02
N ILE A 563 -6.89 -23.34 -5.88
CA ILE A 563 -6.11 -22.98 -7.05
C ILE A 563 -4.73 -22.46 -6.63
N ASN A 564 -4.71 -21.48 -5.72
CA ASN A 564 -3.43 -20.92 -5.28
C ASN A 564 -2.57 -21.98 -4.61
N ASN A 565 -3.13 -22.76 -3.70
CA ASN A 565 -2.27 -23.66 -2.96
C ASN A 565 -1.71 -24.74 -3.86
N ALA A 566 -2.49 -25.21 -4.85
CA ALA A 566 -1.98 -26.24 -5.75
C ALA A 566 -0.71 -25.75 -6.44
N PHE A 567 -0.73 -24.52 -6.95
CA PHE A 567 0.45 -24.04 -7.64
C PHE A 567 1.59 -23.70 -6.69
N GLN A 568 1.30 -23.27 -5.46
CA GLN A 568 2.38 -23.07 -4.49
C GLN A 568 3.05 -24.39 -4.16
N LEU A 569 2.31 -25.49 -4.20
CA LEU A 569 2.89 -26.78 -3.88
C LEU A 569 3.76 -27.33 -5.00
N VAL A 570 3.50 -26.93 -6.24
CA VAL A 570 4.39 -27.26 -7.34
C VAL A 570 5.79 -26.75 -7.05
N SER A 571 5.88 -25.51 -6.54
CA SER A 571 7.16 -24.87 -6.35
C SER A 571 8.06 -25.65 -5.40
N ILE A 572 7.48 -26.34 -4.42
CA ILE A 572 8.29 -27.09 -3.46
C ILE A 572 8.24 -28.59 -3.70
N GLY A 573 7.74 -29.03 -4.86
CA GLY A 573 7.81 -30.43 -5.20
C GLY A 573 6.82 -31.35 -4.52
N LYS A 574 5.75 -30.79 -3.90
CA LYS A 574 4.72 -31.60 -3.26
C LYS A 574 3.60 -32.02 -4.21
N LEU A 575 3.44 -31.32 -5.33
CA LEU A 575 2.43 -31.60 -6.33
C LEU A 575 3.06 -31.34 -7.69
N SER A 576 2.77 -32.18 -8.67
CA SER A 576 3.35 -31.95 -10.00
C SER A 576 2.64 -30.81 -10.70
N ILE A 577 3.38 -30.15 -11.61
CA ILE A 577 2.77 -29.07 -12.39
C ILE A 577 1.59 -29.61 -13.19
N GLU A 578 1.69 -30.85 -13.68
CA GLU A 578 0.59 -31.43 -14.44
C GLU A 578 -0.68 -31.55 -13.58
N LYS A 579 -0.55 -31.96 -12.32
CA LYS A 579 -1.72 -32.11 -11.48
C LYS A 579 -2.33 -30.76 -11.09
N ALA A 580 -1.50 -29.73 -10.93
CA ALA A 580 -2.05 -28.40 -10.68
C ALA A 580 -2.76 -27.86 -11.94
N LEU A 581 -2.15 -28.02 -13.11
CA LEU A 581 -2.83 -27.63 -14.35
C LEU A 581 -4.11 -28.42 -14.54
N ASP A 582 -4.09 -29.72 -14.25
CA ASP A 582 -5.31 -30.52 -14.33
C ASP A 582 -6.41 -29.94 -13.47
N LEU A 583 -6.06 -29.51 -12.25
CA LEU A 583 -7.06 -28.92 -11.36
C LEU A 583 -7.61 -27.64 -11.97
N SER A 584 -6.74 -26.83 -12.61
CA SER A 584 -7.18 -25.55 -13.16
C SER A 584 -8.18 -25.73 -14.29
N LEU A 585 -8.22 -26.91 -14.91
CA LEU A 585 -9.19 -27.16 -15.98
C LEU A 585 -10.64 -26.97 -15.52
N TYR A 586 -10.92 -27.10 -14.21
CA TYR A 586 -12.29 -26.91 -13.76
C TYR A 586 -12.76 -25.49 -14.04
N LEU A 587 -11.83 -24.55 -14.22
CA LEU A 587 -12.21 -23.16 -14.42
C LEU A 587 -13.08 -22.97 -15.64
N LYS A 588 -13.14 -23.96 -16.55
CA LYS A 588 -14.03 -23.85 -17.70
C LYS A 588 -15.46 -23.60 -17.26
N HIS A 589 -15.84 -24.07 -16.06
CA HIS A 589 -17.19 -23.92 -15.52
CA HIS A 589 -17.20 -23.85 -15.60
C HIS A 589 -17.29 -22.87 -14.42
N GLU A 590 -16.21 -22.14 -14.13
CA GLU A 590 -16.23 -21.17 -13.05
C GLU A 590 -16.89 -19.87 -13.49
N THR A 591 -17.59 -19.25 -12.55
CA THR A 591 -18.32 -18.01 -12.81
C THR A 591 -17.89 -16.85 -11.92
N GLU A 592 -17.20 -17.10 -10.81
CA GLU A 592 -17.05 -16.09 -9.77
C GLU A 592 -15.70 -15.39 -9.88
N ILE A 593 -15.69 -14.10 -9.58
CA ILE A 593 -14.53 -13.26 -9.86
C ILE A 593 -13.30 -13.76 -9.11
N MET A 594 -13.46 -14.16 -7.84
CA MET A 594 -12.23 -14.42 -7.10
C MET A 594 -11.52 -15.67 -7.61
N PRO A 595 -12.19 -16.81 -7.80
CA PRO A 595 -11.46 -17.96 -8.37
C PRO A 595 -10.99 -17.71 -9.80
N VAL A 596 -11.76 -17.02 -10.64
CA VAL A 596 -11.26 -16.71 -11.99
C VAL A 596 -10.00 -15.87 -11.91
N PHE A 597 -10.03 -14.80 -11.09
CA PHE A 597 -8.86 -13.95 -10.95
C PHE A 597 -7.69 -14.72 -10.35
N GLN A 598 -7.96 -15.61 -9.37
CA GLN A 598 -6.85 -16.40 -8.83
C GLN A 598 -6.25 -17.32 -9.89
N GLY A 599 -7.08 -17.92 -10.75
CA GLY A 599 -6.54 -18.68 -11.87
C GLY A 599 -5.62 -17.83 -12.73
N LEU A 600 -6.07 -16.61 -13.06
CA LEU A 600 -5.22 -15.71 -13.83
C LEU A 600 -3.95 -15.36 -13.06
N ASN A 601 -4.07 -15.17 -11.74
CA ASN A 601 -2.89 -14.80 -10.96
C ASN A 601 -1.86 -15.90 -10.93
N GLU A 602 -2.27 -17.16 -11.08
CA GLU A 602 -1.31 -18.25 -11.11
C GLU A 602 -0.79 -18.52 -12.51
N LEU A 603 -1.63 -18.36 -13.54
CA LEU A 603 -1.24 -18.79 -14.87
C LEU A 603 -0.55 -17.68 -15.66
N ILE A 604 -1.00 -16.43 -15.53
CA ILE A 604 -0.36 -15.34 -16.28
C ILE A 604 1.13 -15.27 -15.99
N PRO A 605 1.58 -15.35 -14.73
CA PRO A 605 3.03 -15.25 -14.51
C PRO A 605 3.83 -16.29 -15.27
N MET A 606 3.25 -17.46 -15.55
CA MET A 606 3.98 -18.47 -16.31
C MET A 606 4.33 -17.98 -17.71
N TYR A 607 3.38 -17.36 -18.41
CA TYR A 607 3.75 -16.92 -19.75
C TYR A 607 4.51 -15.60 -19.72
N LYS A 608 4.39 -14.82 -18.64
CA LYS A 608 5.26 -13.65 -18.49
C LYS A 608 6.72 -14.08 -18.41
N LEU A 609 7.02 -15.24 -17.82
CA LEU A 609 8.38 -15.77 -17.89
C LEU A 609 8.73 -16.18 -19.32
N MET A 610 7.84 -16.92 -20.00
CA MET A 610 8.14 -17.38 -21.35
C MET A 610 8.34 -16.22 -22.31
N GLU A 611 7.63 -15.09 -22.12
CA GLU A 611 7.77 -13.96 -23.06
C GLU A 611 9.19 -13.40 -23.10
N LYS A 612 9.97 -13.66 -22.05
CA LYS A 612 11.34 -13.17 -21.96
C LYS A 612 12.37 -14.26 -22.25
N ARG A 613 11.94 -15.34 -22.90
CA ARG A 613 12.76 -16.48 -23.26
C ARG A 613 12.50 -16.80 -24.73
N ASP A 614 13.30 -17.72 -25.27
CA ASP A 614 13.13 -18.20 -26.64
C ASP A 614 12.14 -19.36 -26.60
N MET A 615 10.85 -19.01 -26.47
CA MET A 615 9.82 -19.97 -26.13
C MET A 615 8.53 -19.70 -26.91
N ASN A 616 8.65 -19.23 -28.16
CA ASN A 616 7.45 -18.79 -28.88
C ASN A 616 6.40 -19.89 -28.96
N GLU A 617 6.79 -21.12 -29.31
CA GLU A 617 5.80 -22.17 -29.52
C GLU A 617 5.01 -22.45 -28.25
N VAL A 618 5.70 -22.71 -27.14
CA VAL A 618 4.99 -23.00 -25.89
C VAL A 618 4.27 -21.76 -25.39
N GLU A 619 4.89 -20.59 -25.50
CA GLU A 619 4.21 -19.37 -25.09
C GLU A 619 2.88 -19.21 -25.84
N THR A 620 2.91 -19.40 -27.16
CA THR A 620 1.71 -19.23 -27.96
C THR A 620 0.66 -20.27 -27.60
N GLN A 621 1.09 -21.53 -27.42
CA GLN A 621 0.17 -22.60 -27.03
C GLN A 621 -0.39 -22.37 -25.62
N PHE A 622 0.46 -21.90 -24.70
CA PHE A 622 -0.03 -21.65 -23.34
C PHE A 622 -1.08 -20.55 -23.33
N LYS A 623 -0.85 -19.47 -24.06
CA LYS A 623 -1.85 -18.40 -24.15
C LYS A 623 -3.14 -18.90 -24.80
N ALA A 624 -3.02 -19.72 -25.86
CA ALA A 624 -4.22 -20.28 -26.48
C ALA A 624 -5.00 -21.13 -25.50
N PHE A 625 -4.30 -21.91 -24.66
CA PHE A 625 -4.98 -22.71 -23.64
C PHE A 625 -5.74 -21.83 -22.66
N LEU A 626 -5.12 -20.75 -22.21
CA LEU A 626 -5.79 -19.87 -21.24
C LEU A 626 -7.07 -19.29 -21.82
N ILE A 627 -7.02 -18.83 -23.08
CA ILE A 627 -8.23 -18.27 -23.69
C ILE A 627 -9.28 -19.37 -23.87
N ARG A 628 -8.87 -20.55 -24.34
CA ARG A 628 -9.80 -21.67 -24.47
C ARG A 628 -10.45 -21.99 -23.14
N LEU A 629 -9.67 -21.95 -22.05
CA LEU A 629 -10.17 -22.28 -20.72
C LEU A 629 -11.31 -21.34 -20.31
N LEU A 630 -11.17 -20.04 -20.60
CA LEU A 630 -12.13 -19.04 -20.18
C LEU A 630 -13.04 -18.57 -21.32
N ARG A 631 -12.98 -19.23 -22.48
CA ARG A 631 -13.69 -18.75 -23.66
C ARG A 631 -15.20 -18.61 -23.40
N ASP A 632 -15.80 -19.60 -22.74
CA ASP A 632 -17.25 -19.52 -22.54
C ASP A 632 -17.62 -18.30 -21.71
N LEU A 633 -16.85 -18.01 -20.66
CA LEU A 633 -17.13 -16.86 -19.82
C LEU A 633 -16.83 -15.57 -20.55
N ILE A 634 -15.76 -15.54 -21.33
CA ILE A 634 -15.47 -14.37 -22.17
C ILE A 634 -16.64 -14.09 -23.10
N ASP A 635 -17.12 -15.13 -23.82
CA ASP A 635 -18.20 -14.97 -24.80
C ASP A 635 -19.49 -14.48 -24.16
N LYS A 636 -19.70 -14.76 -22.88
CA LYS A 636 -20.92 -14.33 -22.20
C LYS A 636 -20.89 -12.88 -21.77
N GLN A 637 -19.73 -12.23 -21.76
CA GLN A 637 -19.66 -10.86 -21.27
C GLN A 637 -20.41 -9.93 -22.22
N THR A 638 -21.19 -9.03 -21.64
CA THR A 638 -21.80 -7.96 -22.41
C THR A 638 -20.82 -6.80 -22.47
N TRP A 639 -20.93 -6.02 -23.54
CA TRP A 639 -20.08 -4.83 -23.70
C TRP A 639 -20.85 -3.61 -23.16
N THR A 640 -21.01 -3.62 -21.84
CA THR A 640 -21.84 -2.65 -21.12
C THR A 640 -21.16 -2.34 -19.79
N ASP A 641 -21.77 -1.43 -19.03
CA ASP A 641 -21.37 -1.16 -17.66
C ASP A 641 -22.36 -1.74 -16.65
N GLU A 642 -23.09 -2.79 -17.04
CA GLU A 642 -24.14 -3.36 -16.21
C GLU A 642 -23.58 -4.21 -15.08
N GLY A 643 -24.37 -4.32 -14.01
CA GLY A 643 -24.10 -5.29 -12.95
C GLY A 643 -23.41 -4.71 -11.73
N SER A 644 -23.05 -5.62 -10.83
CA SER A 644 -22.37 -5.26 -9.59
C SER A 644 -20.91 -4.91 -9.87
N VAL A 645 -20.25 -4.37 -8.85
CA VAL A 645 -18.84 -4.03 -9.00
C VAL A 645 -18.04 -5.27 -9.37
N SER A 646 -18.40 -6.42 -8.80
CA SER A 646 -17.67 -7.65 -9.13
C SER A 646 -17.93 -8.05 -10.58
N GLU A 647 -19.18 -7.97 -11.03
CA GLU A 647 -19.49 -8.28 -12.42
C GLU A 647 -18.76 -7.35 -13.36
N ARG A 648 -18.71 -6.05 -13.02
CA ARG A 648 -18.03 -5.08 -13.87
C ARG A 648 -16.52 -5.31 -13.91
N MET A 649 -15.89 -5.59 -12.76
CA MET A 649 -14.45 -5.85 -12.78
C MET A 649 -14.12 -7.11 -13.56
N LEU A 650 -14.93 -8.16 -13.40
CA LEU A 650 -14.72 -9.39 -14.15
C LEU A 650 -14.84 -9.15 -15.64
N ARG A 651 -15.88 -8.43 -16.06
CA ARG A 651 -16.05 -8.10 -17.47
C ARG A 651 -14.82 -7.39 -18.02
N SER A 652 -14.39 -6.33 -17.36
CA SER A 652 -13.31 -5.49 -17.87
C SER A 652 -12.03 -6.29 -18.06
N GLN A 653 -11.67 -7.10 -17.08
CA GLN A 653 -10.42 -7.85 -17.17
C GLN A 653 -10.52 -8.98 -18.19
N LEU A 654 -11.68 -9.62 -18.30
CA LEU A 654 -11.81 -10.68 -19.30
C LEU A 654 -11.71 -10.13 -20.72
N LEU A 655 -12.38 -9.01 -20.99
CA LEU A 655 -12.30 -8.46 -22.34
C LEU A 655 -10.90 -7.96 -22.66
N LEU A 656 -10.23 -7.36 -21.68
CA LEU A 656 -8.83 -6.96 -21.88
C LEU A 656 -7.96 -8.16 -22.18
N LEU A 657 -8.09 -9.22 -21.36
CA LEU A 657 -7.31 -10.44 -21.58
C LEU A 657 -7.54 -10.99 -22.98
N ALA A 658 -8.82 -11.15 -23.37
CA ALA A 658 -9.15 -11.71 -24.67
C ALA A 658 -8.53 -10.89 -25.78
N CYS A 659 -8.62 -9.57 -25.69
CA CYS A 659 -8.12 -8.79 -26.80
CA CYS A 659 -8.11 -8.73 -26.77
C CYS A 659 -6.59 -8.75 -26.82
N VAL A 660 -5.95 -8.73 -25.65
CA VAL A 660 -4.49 -8.76 -25.61
C VAL A 660 -3.96 -10.04 -26.25
N HIS A 661 -4.67 -11.15 -26.07
CA HIS A 661 -4.21 -12.40 -26.65
C HIS A 661 -4.85 -12.67 -28.01
N ASN A 662 -5.38 -11.64 -28.67
CA ASN A 662 -5.78 -11.71 -30.06
C ASN A 662 -6.92 -12.71 -30.30
N TYR A 663 -7.86 -12.77 -29.35
CA TYR A 663 -9.09 -13.51 -29.53
C TYR A 663 -10.00 -12.73 -30.48
N GLN A 664 -10.17 -13.24 -31.70
CA GLN A 664 -10.67 -12.39 -32.77
C GLN A 664 -12.07 -11.82 -32.51
N PRO A 665 -13.02 -12.54 -31.94
CA PRO A 665 -14.32 -11.90 -31.66
C PRO A 665 -14.18 -10.65 -30.81
N CYS A 666 -13.29 -10.66 -29.80
CA CYS A 666 -13.07 -9.50 -28.95
CA CYS A 666 -13.16 -9.48 -28.99
C CYS A 666 -12.35 -8.39 -29.71
N VAL A 667 -11.27 -8.76 -30.40
CA VAL A 667 -10.49 -7.76 -31.13
C VAL A 667 -11.37 -7.04 -32.15
N GLN A 668 -12.14 -7.80 -32.94
CA GLN A 668 -12.96 -7.17 -33.97
C GLN A 668 -13.96 -6.21 -33.35
N ARG A 669 -14.59 -6.60 -32.25
CA ARG A 669 -15.55 -5.69 -31.62
C ARG A 669 -14.85 -4.48 -31.01
N ALA A 670 -13.66 -4.67 -30.42
CA ALA A 670 -12.92 -3.55 -29.85
C ALA A 670 -12.46 -2.58 -30.93
N GLU A 671 -12.01 -3.12 -32.07
CA GLU A 671 -11.60 -2.29 -33.18
C GLU A 671 -12.76 -1.40 -33.65
N GLY A 672 -13.97 -1.97 -33.72
CA GLY A 672 -15.11 -1.18 -34.15
C GLY A 672 -15.47 -0.07 -33.18
N TYR A 673 -15.40 -0.37 -31.88
CA TYR A 673 -15.65 0.65 -30.87
C TYR A 673 -14.60 1.75 -30.95
N PHE A 674 -13.32 1.37 -31.11
CA PHE A 674 -12.27 2.38 -31.16
C PHE A 674 -12.42 3.26 -32.39
N ARG A 675 -12.63 2.66 -33.56
CA ARG A 675 -12.79 3.44 -34.77
C ARG A 675 -13.93 4.45 -34.62
N LYS A 676 -15.10 3.98 -34.17
CA LYS A 676 -16.24 4.88 -34.04
C LYS A 676 -15.99 5.94 -32.97
N TRP A 677 -15.31 5.57 -31.89
CA TRP A 677 -14.98 6.54 -30.85
C TRP A 677 -14.06 7.62 -31.38
N LYS A 678 -12.99 7.22 -32.07
CA LYS A 678 -12.05 8.18 -32.66
C LYS A 678 -12.75 9.08 -33.67
N GLU A 679 -13.52 8.48 -34.57
CA GLU A 679 -14.18 9.26 -35.61
C GLU A 679 -15.12 10.30 -35.02
N SER A 680 -15.70 10.01 -33.86
CA SER A 680 -16.51 10.95 -33.11
C SER A 680 -15.67 11.90 -32.26
N ASN A 681 -14.37 11.98 -32.52
CA ASN A 681 -13.42 12.61 -31.60
C ASN A 681 -13.43 11.88 -30.27
N GLY A 682 -14.39 12.17 -29.40
CA GLY A 682 -14.46 11.48 -28.14
C GLY A 682 -15.85 11.51 -27.56
N ASN A 683 -16.79 12.07 -28.32
CA ASN A 683 -18.17 12.17 -27.89
C ASN A 683 -18.97 10.90 -28.12
N LEU A 684 -18.36 9.87 -28.72
CA LEU A 684 -19.06 8.60 -28.86
C LEU A 684 -19.39 8.00 -27.49
N SER A 685 -18.48 8.16 -26.53
CA SER A 685 -18.72 7.69 -25.18
C SER A 685 -18.84 6.17 -25.13
N LEU A 686 -17.85 5.53 -24.66
CA LEU A 686 -17.66 4.10 -24.53
C LEU A 686 -18.09 3.64 -23.14
N PRO A 687 -18.62 2.43 -23.02
CA PRO A 687 -18.76 1.85 -21.67
C PRO A 687 -17.40 1.87 -20.99
N VAL A 688 -17.37 2.30 -19.73
CA VAL A 688 -16.11 2.32 -19.00
C VAL A 688 -15.49 0.93 -18.95
N ASP A 689 -16.35 -0.09 -18.82
CA ASP A 689 -15.86 -1.44 -18.56
C ASP A 689 -15.19 -2.07 -19.77
N VAL A 690 -15.45 -1.56 -20.98
CA VAL A 690 -14.77 -2.07 -22.17
C VAL A 690 -13.62 -1.17 -22.59
N THR A 691 -13.41 -0.06 -21.86
CA THR A 691 -12.47 0.95 -22.35
C THR A 691 -11.02 0.45 -22.31
N LEU A 692 -10.64 -0.32 -21.30
CA LEU A 692 -9.28 -0.87 -21.33
C LEU A 692 -9.05 -1.69 -22.59
N ALA A 693 -9.99 -2.58 -22.91
CA ALA A 693 -9.84 -3.43 -24.09
C ALA A 693 -9.80 -2.59 -25.37
N VAL A 694 -10.71 -1.62 -25.47
CA VAL A 694 -10.84 -0.84 -26.68
C VAL A 694 -9.62 0.05 -26.87
N PHE A 695 -9.16 0.71 -25.80
CA PHE A 695 -7.95 1.52 -25.93
C PHE A 695 -6.73 0.65 -26.23
N ALA A 696 -6.65 -0.52 -25.61
CA ALA A 696 -5.49 -1.37 -25.83
C ALA A 696 -5.39 -1.78 -27.29
N VAL A 697 -6.52 -2.12 -27.91
CA VAL A 697 -6.52 -2.45 -29.33
C VAL A 697 -6.24 -1.20 -30.16
N GLY A 698 -6.91 -0.09 -29.81
CA GLY A 698 -6.75 1.15 -30.56
C GLY A 698 -5.31 1.64 -30.63
N ALA A 699 -4.52 1.43 -29.57
CA ALA A 699 -3.16 1.91 -29.55
C ALA A 699 -2.20 1.07 -30.37
N GLN A 700 -2.67 0.01 -31.04
CA GLN A 700 -1.72 -0.80 -31.81
C GLN A 700 -1.39 -0.19 -33.15
N SER A 701 -2.01 0.92 -33.55
CA SER A 701 -1.60 1.67 -34.72
C SER A 701 -1.05 3.02 -34.28
N THR A 702 -0.19 3.60 -35.11
CA THR A 702 0.38 4.90 -34.78
C THR A 702 -0.71 5.96 -34.65
N GLU A 703 -1.65 5.98 -35.60
CA GLU A 703 -2.73 6.98 -35.53
C GLU A 703 -3.56 6.81 -34.27
N GLY A 704 -3.81 5.56 -33.86
CA GLY A 704 -4.58 5.34 -32.65
C GLY A 704 -3.81 5.73 -31.39
N TRP A 705 -2.52 5.38 -31.35
CA TRP A 705 -1.67 5.75 -30.23
C TRP A 705 -1.60 7.27 -30.08
N ASP A 706 -1.36 7.96 -31.19
CA ASP A 706 -1.26 9.42 -31.15
C ASP A 706 -2.58 10.04 -30.73
N PHE A 707 -3.70 9.50 -31.21
CA PHE A 707 -5.01 10.02 -30.82
C PHE A 707 -5.22 9.86 -29.32
N LEU A 708 -4.95 8.66 -28.79
CA LEU A 708 -5.09 8.43 -27.37
C LEU A 708 -4.24 9.41 -26.56
N TYR A 709 -3.00 9.63 -26.97
CA TYR A 709 -2.18 10.58 -26.24
C TYR A 709 -2.76 11.99 -26.31
N SER A 710 -3.37 12.36 -27.45
CA SER A 710 -3.92 13.71 -27.57
C SER A 710 -5.09 13.90 -26.60
N LYS A 711 -5.85 12.85 -26.30
CA LYS A 711 -6.91 12.97 -25.31
C LYS A 711 -6.37 12.98 -23.88
N TYR A 712 -5.27 12.27 -23.65
CA TYR A 712 -4.67 12.21 -22.32
C TYR A 712 -4.35 13.62 -21.80
N GLN A 713 -3.80 14.47 -22.67
CA GLN A 713 -3.30 15.77 -22.22
C GLN A 713 -4.39 16.64 -21.62
N PHE A 714 -5.64 16.46 -22.01
CA PHE A 714 -6.72 17.32 -21.55
C PHE A 714 -7.68 16.63 -20.59
N SER A 715 -7.49 15.35 -20.30
CA SER A 715 -8.44 14.63 -19.48
C SER A 715 -8.35 15.07 -18.01
N LEU A 716 -9.52 15.18 -17.38
CA LEU A 716 -9.61 15.39 -15.95
C LEU A 716 -10.00 14.11 -15.20
N SER A 717 -10.14 12.99 -15.91
CA SER A 717 -10.54 11.72 -15.32
C SER A 717 -9.32 10.88 -14.95
N SER A 718 -9.18 10.58 -13.66
CA SER A 718 -8.06 9.71 -13.26
C SER A 718 -8.17 8.33 -13.89
N THR A 719 -9.37 7.77 -13.97
CA THR A 719 -9.54 6.47 -14.61
C THR A 719 -9.16 6.53 -16.07
N GLU A 720 -9.68 7.52 -16.80
CA GLU A 720 -9.38 7.60 -18.22
C GLU A 720 -7.88 7.74 -18.46
N LYS A 721 -7.21 8.56 -17.65
CA LYS A 721 -5.77 8.72 -17.81
C LYS A 721 -5.03 7.41 -17.53
N SER A 722 -5.46 6.67 -16.51
CA SER A 722 -4.86 5.36 -16.24
CA SER A 722 -4.85 5.37 -16.24
C SER A 722 -5.08 4.39 -17.39
N GLN A 723 -6.29 4.39 -17.96
CA GLN A 723 -6.59 3.48 -19.06
C GLN A 723 -5.74 3.82 -20.27
N ILE A 724 -5.57 5.11 -20.54
CA ILE A 724 -4.73 5.54 -21.67
C ILE A 724 -3.28 5.15 -21.41
N GLU A 725 -2.77 5.40 -20.20
CA GLU A 725 -1.40 5.00 -19.88
C GLU A 725 -1.20 3.51 -20.15
N PHE A 726 -2.15 2.67 -19.73
CA PHE A 726 -1.99 1.24 -19.97
C PHE A 726 -1.90 0.94 -21.45
N ALA A 727 -2.81 1.53 -22.23
CA ALA A 727 -2.83 1.26 -23.67
C ALA A 727 -1.54 1.73 -24.34
N LEU A 728 -1.05 2.92 -23.98
CA LEU A 728 0.14 3.45 -24.63
C LEU A 728 1.36 2.60 -24.34
N CYS A 729 1.45 2.05 -23.12
CA CYS A 729 2.59 1.23 -22.72
C CYS A 729 2.58 -0.14 -23.38
N ARG A 730 1.51 -0.48 -24.10
CA ARG A 730 1.47 -1.74 -24.84
C ARG A 730 2.15 -1.63 -26.20
N THR A 731 2.47 -0.42 -26.66
CA THR A 731 3.07 -0.29 -27.98
C THR A 731 4.36 -1.10 -28.06
N GLN A 732 4.62 -1.65 -29.25
CA GLN A 732 5.89 -2.30 -29.50
C GLN A 732 6.80 -1.43 -30.34
N ASN A 733 6.47 -0.15 -30.45
CA ASN A 733 7.36 0.85 -31.01
C ASN A 733 8.30 1.30 -29.90
N LYS A 734 9.59 0.99 -30.05
CA LYS A 734 10.52 1.26 -28.96
C LYS A 734 10.79 2.75 -28.79
N GLU A 735 10.65 3.53 -29.86
CA GLU A 735 10.80 4.98 -29.71
C GLU A 735 9.69 5.55 -28.85
N LYS A 736 8.46 5.06 -29.03
CA LYS A 736 7.36 5.51 -28.18
C LYS A 736 7.52 5.03 -26.74
N LEU A 737 8.01 3.80 -26.55
CA LEU A 737 8.25 3.32 -25.20
C LEU A 737 9.30 4.17 -24.49
N GLN A 738 10.40 4.44 -25.18
CA GLN A 738 11.44 5.30 -24.60
C GLN A 738 10.89 6.69 -24.30
N TRP A 739 10.01 7.20 -25.18
CA TRP A 739 9.39 8.49 -24.96
C TRP A 739 8.54 8.48 -23.69
N LEU A 740 7.77 7.42 -23.48
CA LEU A 740 6.96 7.35 -22.26
C LEU A 740 7.83 7.39 -21.01
N LEU A 741 8.94 6.65 -21.02
CA LEU A 741 9.85 6.67 -19.87
C LEU A 741 10.49 8.05 -19.68
N ASP A 742 11.02 8.62 -20.75
CA ASP A 742 11.65 9.94 -20.67
C ASP A 742 10.68 10.99 -20.16
N GLU A 743 9.46 11.00 -20.70
CA GLU A 743 8.53 12.08 -20.36
C GLU A 743 7.93 11.92 -18.97
N SER A 744 7.62 10.69 -18.54
CA SER A 744 7.12 10.54 -17.18
C SER A 744 8.24 10.79 -16.17
N PHE A 745 9.48 10.46 -16.54
CA PHE A 745 10.63 10.76 -15.69
C PHE A 745 10.77 12.27 -15.51
N LYS A 746 10.61 13.00 -16.62
CA LYS A 746 10.73 14.45 -16.59
C LYS A 746 9.57 15.11 -15.85
N GLY A 747 8.36 14.56 -16.00
CA GLY A 747 7.20 14.97 -15.24
C GLY A 747 6.33 16.05 -15.88
N ASP A 748 6.62 16.45 -17.11
CA ASP A 748 5.86 17.57 -17.69
C ASP A 748 4.62 17.06 -18.43
N LYS A 749 4.83 16.20 -19.44
CA LYS A 749 3.70 15.70 -20.21
C LYS A 749 2.98 14.56 -19.50
N ILE A 750 3.72 13.77 -18.73
CA ILE A 750 3.17 12.77 -17.83
C ILE A 750 3.83 13.01 -16.48
N LYS A 751 3.03 13.05 -15.41
CA LYS A 751 3.59 13.39 -14.12
C LYS A 751 4.48 12.26 -13.59
N THR A 752 5.55 12.65 -12.87
CA THR A 752 6.47 11.66 -12.34
C THR A 752 5.82 10.73 -11.32
N GLN A 753 4.71 11.14 -10.69
CA GLN A 753 4.00 10.21 -9.83
C GLN A 753 3.51 8.97 -10.58
N GLU A 754 3.44 9.03 -11.91
CA GLU A 754 3.06 7.88 -12.73
C GLU A 754 4.26 7.07 -13.17
N PHE A 755 5.48 7.57 -12.96
CA PHE A 755 6.63 6.88 -13.52
C PHE A 755 6.78 5.44 -13.03
N PRO A 756 6.63 5.13 -11.73
CA PRO A 756 6.79 3.72 -11.32
C PRO A 756 5.85 2.78 -12.03
N GLN A 757 4.61 3.21 -12.23
CA GLN A 757 3.62 2.41 -12.94
C GLN A 757 3.98 2.24 -14.42
N ILE A 758 4.37 3.34 -15.07
CA ILE A 758 4.77 3.27 -16.48
C ILE A 758 5.99 2.37 -16.65
N LEU A 759 6.97 2.50 -15.73
CA LEU A 759 8.16 1.66 -15.84
C LEU A 759 7.79 0.19 -15.70
N THR A 760 6.89 -0.11 -14.77
CA THR A 760 6.46 -1.49 -14.56
C THR A 760 5.68 -2.01 -15.76
N LEU A 761 4.78 -1.20 -16.32
CA LEU A 761 4.02 -1.66 -17.48
C LEU A 761 4.94 -1.96 -18.64
N ILE A 762 5.97 -1.13 -18.82
CA ILE A 762 6.90 -1.37 -19.92
C ILE A 762 7.79 -2.56 -19.59
N GLY A 763 8.08 -2.76 -18.31
CA GLY A 763 8.79 -3.96 -17.89
C GLY A 763 8.04 -5.24 -18.18
N ARG A 764 6.72 -5.16 -18.29
CA ARG A 764 5.89 -6.32 -18.60
C ARG A 764 5.62 -6.45 -20.10
N ASN A 765 6.05 -5.46 -20.89
CA ASN A 765 5.84 -5.46 -22.32
C ASN A 765 6.79 -6.47 -22.97
N PRO A 766 6.28 -7.38 -23.81
CA PRO A 766 7.15 -8.41 -24.41
C PRO A 766 8.29 -7.87 -25.27
N VAL A 767 8.16 -6.67 -25.84
CA VAL A 767 9.26 -6.07 -26.58
C VAL A 767 9.98 -4.98 -25.79
N GLY A 768 9.30 -4.30 -24.89
CA GLY A 768 9.94 -3.22 -24.17
C GLY A 768 10.68 -3.58 -22.91
N TYR A 769 10.51 -4.81 -22.38
CA TYR A 769 11.07 -5.07 -21.06
C TYR A 769 12.56 -4.78 -20.97
N PRO A 770 13.39 -5.01 -22.00
CA PRO A 770 14.81 -4.63 -21.83
C PRO A 770 14.99 -3.13 -21.63
N LEU A 771 14.11 -2.32 -22.23
CA LEU A 771 14.27 -0.86 -22.09
C LEU A 771 13.98 -0.40 -20.68
N ALA A 772 13.03 -1.05 -19.99
CA ALA A 772 12.69 -0.60 -18.65
C ALA A 772 13.84 -0.90 -17.69
N TRP A 773 14.39 -2.11 -17.76
CA TRP A 773 15.52 -2.46 -16.91
C TRP A 773 16.72 -1.57 -17.20
N GLN A 774 16.96 -1.30 -18.48
CA GLN A 774 18.03 -0.39 -18.86
C GLN A 774 17.80 1.01 -18.30
N PHE A 775 16.56 1.50 -18.39
CA PHE A 775 16.27 2.85 -17.90
C PHE A 775 16.50 2.95 -16.39
N LEU A 776 16.05 1.95 -15.64
CA LEU A 776 16.27 1.95 -14.19
C LEU A 776 17.75 2.01 -13.85
N ARG A 777 18.57 1.21 -14.54
CA ARG A 777 19.99 1.21 -14.27
C ARG A 777 20.61 2.57 -14.58
N LYS A 778 20.26 3.15 -15.74
CA LYS A 778 20.93 4.36 -16.18
C LYS A 778 20.49 5.58 -15.39
N ASN A 779 19.26 5.57 -14.88
CA ASN A 779 18.70 6.73 -14.20
C ASN A 779 18.51 6.49 -12.71
N TRP A 780 19.22 5.49 -12.18
CA TRP A 780 19.07 5.09 -10.79
C TRP A 780 19.22 6.26 -9.81
N ASN A 781 20.30 7.02 -9.93
CA ASN A 781 20.59 8.05 -8.92
C ASN A 781 19.47 9.09 -8.85
N LYS A 782 19.01 9.59 -10.00
CA LYS A 782 17.90 10.53 -9.95
C LYS A 782 16.63 9.89 -9.45
N LEU A 783 16.42 8.60 -9.75
CA LEU A 783 15.20 7.97 -9.26
C LEU A 783 15.24 7.83 -7.74
N VAL A 784 16.40 7.48 -7.20
CA VAL A 784 16.56 7.41 -5.75
C VAL A 784 16.38 8.79 -5.12
N GLN A 785 16.93 9.83 -5.75
CA GLN A 785 16.77 11.16 -5.19
C GLN A 785 15.29 11.56 -5.15
N LYS A 786 14.54 11.21 -6.19
CA LYS A 786 13.14 11.62 -6.27
C LYS A 786 12.27 10.83 -5.29
N PHE A 787 12.49 9.52 -5.19
CA PHE A 787 11.57 8.62 -4.50
C PHE A 787 12.09 8.09 -3.17
N GLU A 788 13.43 8.08 -2.97
CA GLU A 788 14.14 7.68 -1.76
C GLU A 788 14.44 6.18 -1.65
N LEU A 789 15.68 5.87 -1.24
CA LEU A 789 16.05 4.50 -0.93
C LEU A 789 15.13 3.94 0.14
N GLY A 790 14.70 2.69 -0.06
CA GLY A 790 13.81 2.03 0.87
C GLY A 790 12.34 2.28 0.62
N SER A 791 11.99 3.26 -0.19
CA SER A 791 10.59 3.55 -0.47
C SER A 791 9.92 2.39 -1.20
N SER A 792 8.61 2.25 -0.97
CA SER A 792 7.84 1.30 -1.73
C SER A 792 7.93 1.58 -3.24
N SER A 793 8.03 2.85 -3.64
CA SER A 793 8.15 3.18 -5.06
C SER A 793 9.39 2.55 -5.67
N ILE A 794 10.54 2.69 -5.00
CA ILE A 794 11.76 2.07 -5.51
C ILE A 794 11.64 0.55 -5.52
N ALA A 795 11.07 -0.03 -4.47
CA ALA A 795 10.84 -1.47 -4.45
C ALA A 795 10.01 -1.92 -5.64
N HIS A 796 8.92 -1.20 -5.93
CA HIS A 796 8.08 -1.58 -7.06
C HIS A 796 8.83 -1.45 -8.39
N MET A 797 9.68 -0.42 -8.53
CA MET A 797 10.46 -0.31 -9.75
C MET A 797 11.50 -1.43 -9.88
N VAL A 798 12.18 -1.78 -8.80
CA VAL A 798 13.13 -2.88 -8.84
C VAL A 798 12.43 -4.18 -9.23
N MET A 799 11.35 -4.52 -8.52
CA MET A 799 10.66 -5.77 -8.83
CA MET A 799 10.64 -5.77 -8.82
C MET A 799 10.00 -5.73 -10.21
N GLY A 800 9.43 -4.58 -10.59
CA GLY A 800 8.70 -4.50 -11.85
C GLY A 800 9.58 -4.58 -13.09
N THR A 801 10.87 -4.31 -12.97
CA THR A 801 11.76 -4.43 -14.12
C THR A 801 12.56 -5.72 -14.14
N THR A 802 12.53 -6.53 -13.07
CA THR A 802 13.43 -7.69 -12.98
C THR A 802 12.79 -9.00 -12.57
N ASN A 803 11.62 -8.99 -11.94
CA ASN A 803 11.21 -10.22 -11.28
C ASN A 803 10.52 -11.21 -12.22
N GLN A 804 10.53 -10.97 -13.53
CA GLN A 804 10.10 -11.95 -14.51
C GLN A 804 11.27 -12.50 -15.32
N PHE A 805 12.50 -12.19 -14.93
CA PHE A 805 13.67 -12.83 -15.53
C PHE A 805 13.83 -14.27 -15.03
N SER A 806 14.33 -15.14 -15.92
CA SER A 806 14.47 -16.54 -15.55
C SER A 806 15.71 -17.19 -16.14
N THR A 807 16.76 -16.39 -16.42
CA THR A 807 18.03 -16.95 -16.87
C THR A 807 19.15 -16.53 -15.92
N ARG A 808 20.19 -17.38 -15.91
CA ARG A 808 21.38 -17.10 -15.11
C ARG A 808 22.06 -15.81 -15.56
N THR A 809 22.01 -15.48 -16.85
CA THR A 809 22.63 -14.24 -17.30
C THR A 809 21.85 -13.03 -16.76
N ARG A 810 20.51 -13.10 -16.77
CA ARG A 810 19.73 -12.00 -16.19
C ARG A 810 19.97 -11.89 -14.69
N LEU A 811 20.08 -13.03 -14.02
CA LEU A 811 20.33 -13.00 -12.57
C LEU A 811 21.63 -12.25 -12.27
N GLU A 812 22.69 -12.53 -13.04
CA GLU A 812 23.95 -11.85 -12.79
C GLU A 812 23.87 -10.37 -13.11
N GLU A 813 23.07 -9.99 -14.12
CA GLU A 813 22.88 -8.57 -14.39
C GLU A 813 22.34 -7.87 -13.16
N VAL A 814 21.35 -8.48 -12.52
CA VAL A 814 20.73 -7.91 -11.34
C VAL A 814 21.71 -7.87 -10.18
N LYS A 815 22.34 -9.01 -9.88
CA LYS A 815 23.31 -9.04 -8.78
C LYS A 815 24.43 -8.06 -9.03
N GLY A 816 24.98 -8.07 -10.26
CA GLY A 816 26.10 -7.20 -10.57
C GLY A 816 25.75 -5.72 -10.49
N PHE A 817 24.58 -5.34 -11.01
CA PHE A 817 24.22 -3.92 -10.97
C PHE A 817 24.04 -3.45 -9.53
N PHE A 818 23.21 -4.16 -8.76
CA PHE A 818 22.88 -3.64 -7.45
C PHE A 818 24.06 -3.72 -6.48
N SER A 819 24.93 -4.72 -6.63
CA SER A 819 26.10 -4.74 -5.76
C SER A 819 27.02 -3.57 -6.05
N SER A 820 27.02 -3.06 -7.27
CA SER A 820 27.88 -1.95 -7.65
C SER A 820 27.46 -0.63 -7.01
N LEU A 821 26.26 -0.56 -6.43
CA LEU A 821 25.75 0.69 -5.87
C LEU A 821 26.27 0.97 -4.47
N LYS A 822 26.89 -0.01 -3.83
CA LYS A 822 27.40 0.12 -2.47
C LYS A 822 26.35 0.76 -1.56
N GLU A 823 26.67 1.91 -0.98
CA GLU A 823 25.77 2.52 0.00
C GLU A 823 24.47 3.02 -0.62
N ASN A 824 24.40 3.16 -1.94
CA ASN A 824 23.23 3.75 -2.58
C ASN A 824 22.30 2.68 -3.16
N GLY A 825 22.17 1.55 -2.48
CA GLY A 825 21.14 0.60 -2.87
C GLY A 825 21.52 -0.87 -2.82
N SER A 826 22.80 -1.20 -2.64
CA SER A 826 23.19 -2.60 -2.63
C SER A 826 22.50 -3.37 -1.52
N GLN A 827 22.09 -2.70 -0.45
CA GLN A 827 21.51 -3.38 0.71
C GLN A 827 19.99 -3.33 0.73
N LEU A 828 19.35 -2.87 -0.35
CA LEU A 828 17.89 -2.83 -0.37
C LEU A 828 17.28 -4.22 -0.20
N ARG A 829 16.25 -4.32 0.64
CA ARG A 829 15.56 -5.60 0.76
C ARG A 829 14.93 -6.03 -0.55
N CYS A 830 14.36 -5.09 -1.31
CA CYS A 830 13.70 -5.47 -2.56
C CYS A 830 14.69 -6.11 -3.54
N VAL A 831 15.97 -5.72 -3.46
CA VAL A 831 16.98 -6.32 -4.32
C VAL A 831 17.18 -7.80 -3.96
N GLN A 832 17.32 -8.09 -2.66
CA GLN A 832 17.45 -9.49 -2.28
C GLN A 832 16.19 -10.25 -2.63
N GLN A 833 15.03 -9.60 -2.51
CA GLN A 833 13.78 -10.27 -2.85
C GLN A 833 13.70 -10.59 -4.35
N THR A 834 14.11 -9.66 -5.21
CA THR A 834 14.01 -9.97 -6.62
C THR A 834 15.08 -10.98 -7.05
N ILE A 835 16.25 -10.95 -6.40
CA ILE A 835 17.26 -11.97 -6.68
C ILE A 835 16.71 -13.35 -6.35
N GLU A 836 16.08 -13.49 -5.18
CA GLU A 836 15.54 -14.79 -4.81
C GLU A 836 14.37 -15.18 -5.70
N THR A 837 13.59 -14.19 -6.18
CA THR A 837 12.51 -14.47 -7.12
C THR A 837 13.06 -15.00 -8.44
N ILE A 838 14.10 -14.35 -8.97
CA ILE A 838 14.73 -14.81 -10.21
C ILE A 838 15.32 -16.21 -10.02
N GLU A 839 15.96 -16.45 -8.88
CA GLU A 839 16.49 -17.79 -8.62
C GLU A 839 15.37 -18.83 -8.66
N GLU A 840 14.22 -18.53 -8.05
CA GLU A 840 13.08 -19.44 -8.12
C GLU A 840 12.57 -19.59 -9.56
N ASN A 841 12.49 -18.48 -10.31
CA ASN A 841 12.06 -18.57 -11.71
C ASN A 841 12.96 -19.48 -12.52
N ILE A 842 14.28 -19.37 -12.32
CA ILE A 842 15.23 -20.22 -13.05
C ILE A 842 14.95 -21.69 -12.74
N GLY A 843 14.84 -22.02 -11.45
CA GLY A 843 14.64 -23.41 -11.08
C GLY A 843 13.29 -23.93 -11.51
N TRP A 844 12.26 -23.09 -11.38
CA TRP A 844 10.92 -23.51 -11.76
C TRP A 844 10.81 -23.75 -13.25
N MET A 845 11.39 -22.86 -14.07
CA MET A 845 11.33 -23.08 -15.51
CA MET A 845 11.33 -23.08 -15.51
C MET A 845 12.18 -24.27 -15.92
N ASP A 846 13.35 -24.44 -15.33
CA ASP A 846 14.16 -25.61 -15.67
C ASP A 846 13.41 -26.90 -15.38
N LYS A 847 12.69 -26.93 -14.25
CA LYS A 847 11.98 -28.14 -13.88
C LYS A 847 10.73 -28.35 -14.71
N ASN A 848 10.00 -27.27 -15.00
CA ASN A 848 8.62 -27.41 -15.46
C ASN A 848 8.37 -27.04 -16.92
N PHE A 849 9.32 -26.38 -17.60
CA PHE A 849 9.03 -25.97 -18.98
C PHE A 849 8.65 -27.18 -19.85
N ASP A 850 9.50 -28.20 -19.88
CA ASP A 850 9.19 -29.35 -20.72
C ASP A 850 7.93 -30.05 -20.28
N LYS A 851 7.67 -30.11 -18.98
CA LYS A 851 6.43 -30.70 -18.47
C LYS A 851 5.22 -29.96 -19.03
N ILE A 852 5.26 -28.61 -19.00
CA ILE A 852 4.16 -27.81 -19.53
C ILE A 852 4.05 -27.99 -21.04
N ARG A 853 5.18 -27.99 -21.75
CA ARG A 853 5.18 -28.27 -23.18
C ARG A 853 4.42 -29.57 -23.48
N VAL A 854 4.77 -30.65 -22.77
CA VAL A 854 4.12 -31.94 -23.02
C VAL A 854 2.65 -31.91 -22.62
N TRP A 855 2.35 -31.31 -21.46
CA TRP A 855 0.96 -31.23 -21.00
C TRP A 855 0.08 -30.50 -22.02
N LEU A 856 0.59 -29.43 -22.62
CA LEU A 856 -0.19 -28.66 -23.58
C LEU A 856 -0.50 -29.49 -24.82
N GLN A 857 0.47 -30.26 -25.30
CA GLN A 857 0.21 -31.02 -26.52
C GLN A 857 -0.75 -32.17 -26.24
N SER A 858 -0.82 -32.63 -25.00
CA SER A 858 -1.85 -33.59 -24.63
C SER A 858 -3.20 -32.92 -24.44
N GLU A 859 -3.22 -31.75 -23.79
CA GLU A 859 -4.46 -31.05 -23.50
C GLU A 859 -5.21 -30.71 -24.78
C1 NAG B . 7.27 35.94 -2.73
C2 NAG B . 6.36 36.84 -1.88
C3 NAG B . 5.71 37.91 -2.75
C4 NAG B . 6.76 38.64 -3.57
C5 NAG B . 7.63 37.65 -4.33
C6 NAG B . 8.75 38.29 -5.12
C7 NAG B . 5.50 35.65 0.08
C8 NAG B . 4.38 34.85 0.67
N2 NAG B . 5.35 36.05 -1.18
O3 NAG B . 5.03 38.82 -1.88
O4 NAG B . 6.12 39.50 -4.52
O5 NAG B . 8.25 36.74 -3.40
O6 NAG B . 9.78 38.78 -4.27
O7 NAG B . 6.50 35.94 0.74
C1 NAG B . 6.04 40.87 -4.08
C2 NAG B . 6.02 41.74 -5.34
C3 NAG B . 5.79 43.22 -5.00
C4 NAG B . 4.59 43.39 -4.08
C5 NAG B . 4.76 42.50 -2.86
C6 NAG B . 3.59 42.57 -1.90
C7 NAG B . 7.34 40.84 -7.22
C8 NAG B . 8.71 40.79 -7.84
N2 NAG B . 7.25 41.58 -6.10
O3 NAG B . 5.57 43.94 -6.21
O4 NAG B . 4.45 44.75 -3.69
O5 NAG B . 4.88 41.14 -3.28
O6 NAG B . 2.52 41.74 -2.32
O7 NAG B . 6.38 40.26 -7.69
C1 NAG C . 18.64 26.27 -1.33
C2 NAG C . 19.51 26.25 -0.06
C3 NAG C . 20.86 26.95 -0.28
C4 NAG C . 21.51 26.57 -1.61
C5 NAG C . 20.49 26.66 -2.74
C6 NAG C . 21.04 26.23 -4.08
C7 NAG C . 18.52 26.36 2.21
C8 NAG C . 19.02 24.96 2.40
N2 NAG C . 18.78 26.91 1.02
O3 NAG C . 21.74 26.58 0.78
O4 NAG C . 22.59 27.45 -1.89
O5 NAG C . 19.41 25.80 -2.43
O6 NAG C . 21.03 27.31 -5.00
O7 NAG C . 17.91 26.97 3.08
ZN ZN D . -1.86 3.27 6.20
C1 I88 E . -0.93 5.43 4.46
C10 I88 E . -1.10 4.29 3.51
C13 I88 E . -1.29 3.60 1.17
C14 I88 E . -2.71 3.50 0.64
C17 I88 E . -3.64 2.79 1.59
C18 I88 E . -3.39 1.27 1.60
C19 I88 E . -5.07 3.13 1.22
C2 I88 E . 0.52 5.49 4.94
C20 I88 E . -0.38 3.96 0.04
C23 I88 E . 1.00 3.04 -1.77
C24 I88 E . 0.28 3.55 -2.96
C25 I88 E . 1.65 1.69 -2.11
C26 I88 E . 2.52 1.85 -3.35
C27 I88 E . 2.21 1.15 -4.51
C28 I88 E . 3.00 1.30 -5.65
C29 I88 E . 4.10 2.16 -5.64
C30 I88 E . 4.40 2.87 -4.47
C31 I88 E . 3.61 2.72 -3.34
C35 I88 E . 0.34 4.70 -5.16
C4 I88 E . 1.37 6.39 4.03
C5 I88 E . 2.86 6.21 4.33
C6 I88 E . 3.74 7.02 3.38
C7 I88 E . 5.19 6.70 3.73
N12 I88 E . -1.21 4.61 2.23
N22 I88 E . 0.08 2.91 -0.65
N3 I88 E . 0.58 5.93 6.38
O11 I88 E . -1.15 3.14 3.95
O21 I88 E . -0.09 5.12 -0.19
O32 I88 E . 4.87 2.31 -6.76
O33 I88 E . -0.87 3.20 -3.19
O34 I88 E . 0.92 4.46 -3.88
O8 I88 E . 6.05 7.38 2.82
O9 I88 E . -1.83 5.10 5.54
C1 EDO F . 13.81 12.00 4.79
O1 EDO F . 14.60 11.02 4.09
C2 EDO F . 14.65 12.47 5.97
O2 EDO F . 15.06 11.31 6.74
H11 EDO F . 13.58 12.84 4.13
H12 EDO F . 12.88 11.56 5.13
HO1 EDO F . 14.09 10.69 3.33
H21 EDO F . 15.53 13.01 5.62
H22 EDO F . 14.06 13.14 6.60
HO2 EDO F . 15.57 11.60 7.51
C1 EDO G . 13.30 -3.42 6.72
O1 EDO G . 13.85 -4.09 5.58
C2 EDO G . 13.13 -4.44 7.85
O2 EDO G . 14.42 -5.02 8.15
H11 EDO G . 13.97 -2.63 7.05
H12 EDO G . 12.34 -2.98 6.48
HO1 EDO G . 13.96 -3.45 4.85
H21 EDO G . 12.72 -3.97 8.74
H22 EDO G . 12.44 -5.23 7.54
HO2 EDO G . 14.33 -5.65 8.87
C1 EDO H . 5.90 -18.86 -12.25
O1 EDO H . 5.56 -17.59 -11.71
C2 EDO H . 6.89 -19.55 -11.32
O2 EDO H . 6.38 -19.58 -9.98
H11 EDO H . 5.00 -19.47 -12.36
H12 EDO H . 6.34 -18.73 -13.24
HO1 EDO H . 4.91 -17.15 -12.28
H21 EDO H . 7.07 -20.57 -11.67
H22 EDO H . 7.85 -19.02 -11.35
HO2 EDO H . 7.00 -20.03 -9.40
C1 EDO I . -14.87 -1.88 -14.23
O1 EDO I . -15.07 -0.49 -14.50
C2 EDO I . -13.38 -2.15 -14.16
O2 EDO I . -12.85 -1.60 -12.95
H11 EDO I . -15.34 -2.14 -13.29
H12 EDO I . -15.32 -2.47 -15.03
HO1 EDO I . -16.02 -0.30 -14.53
H21 EDO I . -13.19 -3.23 -14.20
H22 EDO I . -12.88 -1.70 -15.03
HO2 EDO I . -11.91 -1.76 -12.91
C1 EDO J . 1.64 1.91 -32.36
O1 EDO J . 1.65 1.17 -31.14
C2 EDO J . 3.03 1.92 -33.00
O2 EDO J . 3.53 0.60 -33.23
H11 EDO J . 0.93 1.46 -33.06
H12 EDO J . 1.32 2.93 -32.16
HO1 EDO J . 0.76 1.16 -30.75
H21 EDO J . 2.97 2.45 -33.95
H22 EDO J . 3.72 2.46 -32.36
HO2 EDO J . 4.41 0.66 -33.64
C1 EDO K . -18.78 -13.04 -10.57
O1 EDO K . -18.12 -12.66 -9.37
C2 EDO K . -20.26 -12.72 -10.46
O2 EDO K . -20.41 -11.32 -10.19
H11 EDO K . -18.34 -12.53 -11.42
H12 EDO K . -18.65 -14.13 -10.73
HO1 EDO K . -17.17 -12.75 -9.47
H21 EDO K . -20.77 -12.99 -11.39
H22 EDO K . -20.72 -13.30 -9.66
HO2 EDO K . -21.35 -11.10 -10.14
C1 EDO L . 4.54 11.26 -28.70
O1 EDO L . 4.04 12.43 -29.36
C2 EDO L . 5.06 10.27 -29.75
O2 EDO L . 6.47 10.09 -29.60
H11 EDO L . 5.35 11.54 -28.02
H12 EDO L . 3.75 10.80 -28.12
HO1 EDO L . 3.73 13.06 -28.70
H21 EDO L . 4.55 9.31 -29.62
H22 EDO L . 4.84 10.65 -30.75
HO2 EDO L . 6.80 9.49 -30.29
C1 EDO M . 14.02 -24.58 -19.20
O1 EDO M . 14.70 -23.40 -18.74
C2 EDO M . 14.18 -24.77 -20.71
O2 EDO M . 15.53 -24.52 -21.11
H11 EDO M . 14.42 -25.45 -18.68
H12 EDO M . 12.96 -24.49 -18.96
HO1 EDO M . 14.59 -23.31 -17.78
H21 EDO M . 13.89 -25.79 -20.98
H22 EDO M . 13.51 -24.09 -21.23
HO2 EDO M . 15.60 -24.63 -22.06
C1 EDO N . -7.36 -36.39 20.41
O1 EDO N . -7.45 -37.64 19.71
C2 EDO N . -6.75 -35.33 19.51
O2 EDO N . -7.76 -34.43 19.03
H11 EDO N . -8.35 -36.07 20.73
H12 EDO N . -6.74 -36.52 21.30
HO1 EDO N . -7.78 -38.32 20.30
H21 EDO N . -6.00 -34.77 20.07
H22 EDO N . -6.25 -35.80 18.66
HO2 EDO N . -7.35 -33.74 18.49
C1 EDO O . -9.21 -34.17 0.84
O1 EDO O . -10.58 -34.51 0.64
C2 EDO O . -8.46 -35.34 1.50
O2 EDO O . -8.79 -36.58 0.85
H11 EDO O . -8.73 -33.93 -0.12
H12 EDO O . -9.13 -33.29 1.47
HO1 EDO O . -11.02 -33.79 0.18
H21 EDO O . -7.38 -35.16 1.45
H22 EDO O . -8.73 -35.40 2.56
HO2 EDO O . -8.33 -37.30 1.29
C1 EDO P . 23.69 -7.95 -5.25
O1 EDO P . 24.04 -9.12 -4.48
C2 EDO P . 22.97 -6.96 -4.36
O2 EDO P . 23.89 -6.15 -3.62
H11 EDO P . 24.60 -7.50 -5.66
H12 EDO P . 23.06 -8.23 -6.09
HO1 EDO P . 24.50 -9.76 -5.05
H21 EDO P . 22.33 -6.32 -4.97
H22 EDO P . 22.33 -7.51 -3.66
HO2 EDO P . 23.40 -5.53 -3.07
C1 EDO Q . 9.61 16.75 -12.03
O1 EDO Q . 8.45 16.29 -11.32
C2 EDO Q . 10.86 16.23 -11.32
O2 EDO Q . 10.64 14.86 -10.96
H11 EDO Q . 9.58 16.38 -13.06
H12 EDO Q . 9.62 17.85 -12.06
HO1 EDO Q . 7.65 16.63 -11.74
H21 EDO Q . 11.72 16.32 -11.99
H22 EDO Q . 11.07 16.83 -10.43
HO2 EDO Q . 11.41 14.52 -10.51
C1 EDO R . -20.00 3.32 -15.63
O1 EDO R . -20.73 3.97 -16.68
C2 EDO R . -19.94 4.18 -14.38
O2 EDO R . -18.73 4.95 -14.40
H11 EDO R . -20.48 2.36 -15.40
H12 EDO R . -18.99 3.10 -15.98
HO1 EDO R . -20.77 3.39 -17.46
H21 EDO R . -20.79 4.84 -14.34
H22 EDO R . -19.96 3.55 -13.49
HO2 EDO R . -18.69 5.52 -13.62
C1 EDO S . 8.01 -17.60 18.24
O1 EDO S . 7.67 -16.71 19.31
C2 EDO S . 9.10 -16.97 17.39
O2 EDO S . 10.39 -17.32 17.91
H11 EDO S . 8.36 -18.56 18.65
H12 EDO S . 7.13 -17.81 17.63
HO1 EDO S . 6.99 -17.11 19.86
H21 EDO S . 9.01 -17.31 16.36
H22 EDO S . 8.99 -15.88 17.39
HO2 EDO S . 11.08 -16.91 17.37
C1 EDO T . 24.17 3.91 -11.51
O1 EDO T . 23.58 4.32 -12.75
C2 EDO T . 24.95 5.06 -10.89
O2 EDO T . 25.23 6.04 -11.91
H11 EDO T . 23.39 3.58 -10.82
H12 EDO T . 24.84 3.06 -11.68
HO1 EDO T . 23.06 3.60 -13.13
H21 EDO T . 24.37 5.52 -10.09
H22 EDO T . 25.89 4.70 -10.47
HO2 EDO T . 25.73 6.78 -11.52
C1 EDO U . 7.19 9.84 1.30
O1 EDO U . 8.01 10.42 0.29
C2 EDO U . 7.95 9.67 2.60
O2 EDO U . 8.01 10.92 3.30
H11 EDO U . 6.32 10.48 1.47
H12 EDO U . 6.82 8.86 0.96
HO1 EDO U . 7.51 10.46 -0.54
H21 EDO U . 7.46 8.92 3.23
H22 EDO U . 8.97 9.32 2.40
HO2 EDO U . 8.49 10.80 4.14
C1 EDO V . -18.83 -20.67 -17.62
O1 EDO V . -19.62 -20.75 -18.81
C2 EDO V . -19.35 -19.51 -16.76
O2 EDO V . -20.65 -19.13 -17.19
H11 EDO V . -18.90 -21.60 -17.06
H12 EDO V . -17.78 -20.51 -17.87
HO1 EDO V . -19.89 -21.67 -18.95
H21 EDO V . -19.38 -19.82 -15.71
H22 EDO V . -18.66 -18.67 -16.84
HO2 EDO V . -21.08 -19.87 -17.63
C1 EDO W . -6.65 -10.80 -12.65
O1 EDO W . -5.55 -10.73 -13.56
C2 EDO W . -6.15 -10.61 -11.22
O2 EDO W . -4.96 -9.83 -11.26
H11 EDO W . -7.38 -10.02 -12.88
H12 EDO W . -7.16 -11.77 -12.74
HO1 EDO W . -5.76 -10.14 -14.29
H21 EDO W . -6.91 -10.11 -10.62
H22 EDO W . -5.96 -11.59 -10.76
HO2 EDO W . -4.93 -9.31 -12.07
C1 MLT X . -0.31 -9.30 -19.68
O1 MLT X . 0.76 -8.69 -19.50
O2 MLT X . -0.37 -10.34 -20.40
C2 MLT X . -1.56 -8.75 -19.05
O3 MLT X . -1.34 -8.67 -17.65
C3 MLT X . -2.78 -9.58 -19.35
C4 MLT X . -3.96 -8.84 -18.75
O4 MLT X . -3.79 -7.71 -18.22
O5 MLT X . -5.10 -9.33 -18.78
H2 MLT X . -1.74 -7.76 -19.47
HO3 MLT X . -2.04 -9.19 -17.19
H31 MLT X . -2.91 -9.70 -20.43
H32 MLT X . -2.69 -10.57 -18.90
C1 PGE Y . 3.46 -20.26 -6.55
O1 PGE Y . 3.79 -20.06 -5.18
C2 PGE Y . 2.07 -19.68 -6.73
O2 PGE Y . 2.10 -18.37 -6.18
C3 PGE Y . 1.04 -17.55 -6.63
C4 PGE Y . 1.29 -16.12 -6.23
O4 PGE Y . -2.82 -14.04 -5.87
C6 PGE Y . -1.40 -14.10 -5.93
C5 PGE Y . -0.97 -15.48 -6.40
O3 PGE Y . 0.34 -15.34 -6.92
H1 PGE Y . 4.16 -19.74 -7.24
H12 PGE Y . 3.44 -21.32 -6.83
HO1 PGE Y . 4.06 -20.90 -4.80
H2 PGE Y . 1.80 -19.65 -7.80
H22 PGE Y . 1.33 -20.31 -6.21
H3 PGE Y . 0.94 -17.60 -7.72
H32 PGE Y . 0.08 -17.87 -6.18
H4 PGE Y . 1.20 -16.00 -5.14
H42 PGE Y . 2.32 -15.82 -6.51
HO4 PGE Y . -3.07 -13.14 -6.12
H6 PGE Y . -0.95 -13.93 -4.93
H62 PGE Y . -0.98 -13.36 -6.62
H5 PGE Y . -1.67 -15.84 -7.16
H52 PGE Y . -1.00 -16.19 -5.56
#